data_8SRV
#
_entry.id   8SRV
#
_cell.length_a   56.395
_cell.length_b   96.240
_cell.length_c   58.994
_cell.angle_alpha   90.000
_cell.angle_beta   111.920
_cell.angle_gamma   90.000
#
_symmetry.space_group_name_H-M   'P 1 21 1'
#
loop_
_entity.id
_entity.type
_entity.pdbx_description
1 polymer 'Cysteine synthase'
2 polymer 'Transcriptional repressor (CymR) derived 10 amino acid peptide'
3 water water
#
loop_
_entity_poly.entity_id
_entity_poly.type
_entity_poly.pdbx_seq_one_letter_code
_entity_poly.pdbx_strand_id
1 'polypeptide(L)'
;MGHHHHHHMAQKPVDNITQIIGGTPVVKLRNVVDDNAADVYVKLEYQNPGGSV(LLP)DRIALAMIEKAEREGKIKPGDT
IVEPTSGNTGIGLAFVCAAKGYKAVFTMPETMSQERRNLLKAYGAELVLTPGSEAMKGAIKKAKELKEEHGYFEPQQFEN
PANPEVHELTTGPELLQQFEGKTIDAFLAGVGTGGTLSGVGKVLKKEYPNIEIVAIEPEASPVLSGGEPGPHKLQGLGAG
FIPGTLNTEIYDSIIKVGNDTAMEMSRRVAKEEGILAGISSGAAIYAAIQKAKELGKGKTVVTVLPSNGERYLSTPLYSF
DD
;
A,B
2 'polypeptide(L)' EDLDGYMFYI C,D
#
# COMPACT_ATOMS: atom_id res chain seq x y z
N ALA A 10 11.09 -11.41 -7.32
CA ALA A 10 11.42 -10.13 -6.69
C ALA A 10 12.34 -9.29 -7.61
N GLN A 11 11.97 -8.02 -7.79
CA GLN A 11 12.72 -7.12 -8.67
C GLN A 11 14.13 -6.87 -8.13
N LYS A 12 15.10 -6.72 -9.03
CA LYS A 12 16.45 -6.39 -8.58
C LYS A 12 16.46 -5.00 -7.95
N PRO A 13 17.42 -4.71 -7.07
CA PRO A 13 17.38 -3.41 -6.39
C PRO A 13 17.36 -2.26 -7.37
N VAL A 14 16.65 -1.22 -6.99
CA VAL A 14 16.56 0.00 -7.78
C VAL A 14 17.15 1.16 -6.98
N ASP A 15 17.55 2.20 -7.70
CA ASP A 15 18.15 3.37 -7.08
C ASP A 15 17.13 4.36 -6.57
N ASN A 16 15.87 4.28 -7.00
CA ASN A 16 14.88 5.30 -6.68
C ASN A 16 13.54 4.59 -6.59
N ILE A 17 12.77 4.90 -5.54
CA ILE A 17 11.46 4.29 -5.34
C ILE A 17 10.53 4.48 -6.53
N THR A 18 10.70 5.55 -7.32
CA THR A 18 9.81 5.72 -8.46
C THR A 18 9.99 4.64 -9.52
N GLN A 19 11.12 3.93 -9.50
CA GLN A 19 11.34 2.85 -10.44
C GLN A 19 10.51 1.63 -10.14
N ILE A 20 9.77 1.60 -9.02
CA ILE A 20 8.86 0.49 -8.80
C ILE A 20 7.41 0.84 -9.13
N ILE A 21 7.14 2.08 -9.57
CA ILE A 21 5.80 2.42 -10.03
C ILE A 21 5.47 1.57 -11.25
N GLY A 22 4.30 0.96 -11.23
CA GLY A 22 3.87 0.13 -12.35
C GLY A 22 4.00 -1.35 -12.06
N GLY A 23 3.74 -2.13 -13.10
CA GLY A 23 3.81 -3.59 -12.96
C GLY A 23 2.85 -4.16 -11.93
N THR A 24 1.63 -3.67 -11.91
CA THR A 24 0.69 -4.03 -10.86
C THR A 24 -0.03 -5.35 -11.15
N PRO A 25 -0.39 -6.09 -10.12
CA PRO A 25 -0.94 -7.43 -10.33
C PRO A 25 -2.44 -7.36 -10.63
N VAL A 26 -2.95 -8.51 -11.09
CA VAL A 26 -4.34 -8.70 -11.46
C VAL A 26 -4.86 -9.91 -10.70
N VAL A 27 -6.05 -9.79 -10.12
CA VAL A 27 -6.69 -10.86 -9.36
C VAL A 27 -8.05 -11.15 -9.97
N LYS A 28 -8.38 -12.43 -10.09
CA LYS A 28 -9.70 -12.85 -10.53
C LYS A 28 -10.65 -12.87 -9.35
N LEU A 29 -11.84 -12.31 -9.51
CA LEU A 29 -12.84 -12.35 -8.45
C LEU A 29 -13.52 -13.71 -8.39
N ARG A 30 -13.84 -14.17 -7.17
CA ARG A 30 -14.30 -15.54 -6.94
C ARG A 30 -15.71 -15.63 -6.37
N ASN A 31 -16.10 -14.71 -5.51
CA ASN A 31 -17.34 -14.86 -4.73
C ASN A 31 -18.39 -13.81 -5.03
N VAL A 32 -17.99 -12.58 -5.39
CA VAL A 32 -18.99 -11.53 -5.64
C VAL A 32 -19.62 -11.64 -7.01
N VAL A 33 -19.09 -12.52 -7.86
CA VAL A 33 -19.66 -12.85 -9.16
C VAL A 33 -19.64 -14.36 -9.30
N ASP A 34 -20.66 -14.93 -9.92
CA ASP A 34 -20.79 -16.38 -9.96
C ASP A 34 -20.37 -16.95 -11.31
N ASP A 35 -20.40 -18.28 -11.42
CA ASP A 35 -19.92 -18.98 -12.61
C ASP A 35 -20.81 -18.80 -13.82
N ASN A 36 -22.03 -18.28 -13.66
CA ASN A 36 -22.91 -18.03 -14.79
C ASN A 36 -22.56 -16.73 -15.51
N ALA A 37 -21.74 -15.88 -14.91
CA ALA A 37 -21.33 -14.64 -15.53
C ALA A 37 -19.91 -14.80 -16.09
N ALA A 38 -19.49 -13.80 -16.88
CA ALA A 38 -18.12 -13.76 -17.35
C ALA A 38 -17.16 -13.68 -16.17
N ASP A 39 -15.92 -14.07 -16.43
CA ASP A 39 -14.88 -13.89 -15.44
C ASP A 39 -14.59 -12.40 -15.30
N VAL A 40 -14.36 -11.95 -14.07
CA VAL A 40 -14.01 -10.57 -13.77
C VAL A 40 -12.63 -10.54 -13.12
N TYR A 41 -11.75 -9.73 -13.70
CA TYR A 41 -10.39 -9.54 -13.22
C TYR A 41 -10.21 -8.08 -12.83
N VAL A 42 -9.43 -7.86 -11.77
CA VAL A 42 -9.20 -6.50 -11.26
C VAL A 42 -7.71 -6.26 -11.18
N LYS A 43 -7.28 -5.13 -11.71
CA LYS A 43 -5.88 -4.72 -11.67
C LYS A 43 -5.67 -3.79 -10.46
N LEU A 44 -4.73 -4.17 -9.59
CA LEU A 44 -4.59 -3.51 -8.28
C LEU A 44 -3.64 -2.31 -8.37
N GLU A 45 -4.19 -1.18 -8.81
CA GLU A 45 -3.35 0.01 -8.94
C GLU A 45 -2.91 0.55 -7.59
N TYR A 46 -3.58 0.16 -6.51
CA TYR A 46 -3.10 0.57 -5.20
C TYR A 46 -1.80 -0.11 -4.79
N GLN A 47 -1.33 -1.10 -5.56
CA GLN A 47 -0.04 -1.70 -5.30
C GLN A 47 1.13 -0.85 -5.77
N ASN A 48 0.88 0.26 -6.46
CA ASN A 48 1.93 1.24 -6.70
C ASN A 48 2.47 1.73 -5.37
N PRO A 49 3.76 2.07 -5.30
CA PRO A 49 4.41 2.33 -3.99
C PRO A 49 3.85 3.53 -3.26
N GLY A 50 3.27 4.51 -3.98
CA GLY A 50 2.63 5.61 -3.31
C GLY A 50 1.15 5.40 -3.02
N GLY A 51 0.60 4.25 -3.40
CA GLY A 51 -0.73 3.86 -2.99
C GLY A 51 -1.86 3.99 -3.99
N SER A 52 -1.64 4.53 -5.18
CA SER A 52 -2.77 4.63 -6.10
C SER A 52 -2.29 4.68 -7.53
N VAL A 53 -3.26 4.62 -8.44
CA VAL A 53 -2.99 4.78 -9.85
C VAL A 53 -2.30 6.10 -10.15
N ASP A 55 0.18 7.51 -8.93
CA ASP A 55 1.63 7.44 -9.00
C ASP A 55 2.09 7.50 -10.44
N ARG A 56 1.37 6.82 -11.32
CA ARG A 56 1.80 6.72 -12.71
C ARG A 56 1.84 8.08 -13.38
N ILE A 57 0.79 8.87 -13.18
CA ILE A 57 0.68 10.15 -13.87
C ILE A 57 1.53 11.20 -13.21
N ALA A 58 1.71 11.12 -11.89
CA ALA A 58 2.63 12.03 -11.23
C ALA A 58 4.02 11.84 -11.79
N LEU A 59 4.48 10.59 -11.88
CA LEU A 59 5.80 10.36 -12.43
C LEU A 59 5.88 10.84 -13.88
N ALA A 60 4.88 10.47 -14.69
CA ALA A 60 4.97 10.78 -16.11
C ALA A 60 4.95 12.29 -16.35
N MET A 61 4.12 13.04 -15.63
CA MET A 61 4.07 14.48 -15.86
C MET A 61 5.36 15.16 -15.41
N ILE A 62 5.93 14.72 -14.29
CA ILE A 62 7.19 15.32 -13.86
C ILE A 62 8.31 14.96 -14.84
N GLU A 63 8.39 13.70 -15.23
CA GLU A 63 9.46 13.28 -16.12
C GLU A 63 9.34 13.93 -17.49
N LYS A 64 8.12 14.14 -17.99
CA LYS A 64 8.01 14.78 -19.29
C LYS A 64 8.45 16.23 -19.21
N ALA A 65 8.03 16.94 -18.17
CA ALA A 65 8.42 18.33 -18.02
C ALA A 65 9.93 18.47 -17.85
N GLU A 66 10.55 17.52 -17.18
CA GLU A 66 12.02 17.53 -17.05
C GLU A 66 12.68 17.27 -18.41
N ARG A 67 12.20 16.26 -19.12
N ARG A 67 12.19 16.27 -19.14
CA ARG A 67 12.76 15.95 -20.44
CA ARG A 67 12.77 15.94 -20.44
C ARG A 67 12.68 17.15 -21.38
C ARG A 67 12.64 17.10 -21.41
N GLU A 68 11.65 17.98 -21.22
CA GLU A 68 11.41 19.12 -22.10
C GLU A 68 12.06 20.39 -21.58
N GLY A 69 12.85 20.31 -20.50
CA GLY A 69 13.47 21.47 -19.91
C GLY A 69 12.52 22.46 -19.29
N LYS A 70 11.27 22.06 -19.07
CA LYS A 70 10.33 22.95 -18.42
C LYS A 70 10.62 23.08 -16.94
N ILE A 71 11.15 22.00 -16.34
CA ILE A 71 11.56 22.02 -14.94
C ILE A 71 12.88 21.27 -14.84
N LYS A 72 13.56 21.47 -13.72
CA LYS A 72 14.77 20.77 -13.36
C LYS A 72 14.73 20.54 -11.86
N PRO A 73 15.46 19.54 -11.35
CA PRO A 73 15.43 19.26 -9.92
C PRO A 73 15.64 20.52 -9.08
N GLY A 74 14.87 20.62 -8.00
CA GLY A 74 14.82 21.76 -7.14
C GLY A 74 13.69 22.73 -7.44
N ASP A 75 13.11 22.61 -8.62
CA ASP A 75 11.99 23.48 -9.00
C ASP A 75 10.74 23.18 -8.20
N THR A 76 9.83 24.13 -8.18
CA THR A 76 8.55 24.04 -7.48
C THR A 76 7.43 23.85 -8.50
N ILE A 77 6.52 22.92 -8.21
CA ILE A 77 5.34 22.70 -9.02
C ILE A 77 4.14 23.01 -8.14
N VAL A 78 3.00 23.30 -8.80
CA VAL A 78 1.74 23.57 -8.11
C VAL A 78 0.62 22.80 -8.79
N GLU A 79 -0.30 22.25 -8.00
CA GLU A 79 -1.47 21.58 -8.57
C GLU A 79 -2.65 21.72 -7.61
N PRO A 80 -3.85 22.00 -8.12
CA PRO A 80 -5.07 22.00 -7.28
C PRO A 80 -5.63 20.60 -7.19
N THR A 81 -5.62 20.04 -6.00
CA THR A 81 -5.98 18.66 -5.77
C THR A 81 -6.23 18.37 -4.33
N SER A 82 -7.36 17.72 -4.07
CA SER A 82 -7.69 17.17 -2.75
C SER A 82 -7.67 15.66 -2.73
N GLY A 83 -7.22 15.04 -3.82
CA GLY A 83 -7.30 13.60 -3.94
C GLY A 83 -5.96 12.93 -4.13
N ASN A 84 -6.00 11.76 -4.76
CA ASN A 84 -4.81 10.95 -4.91
C ASN A 84 -3.73 11.58 -5.76
N THR A 85 -4.07 12.53 -6.64
CA THR A 85 -3.03 13.18 -7.42
C THR A 85 -2.13 14.01 -6.54
N GLY A 86 -2.66 14.62 -5.50
CA GLY A 86 -1.82 15.33 -4.56
C GLY A 86 -0.87 14.40 -3.84
N ILE A 87 -1.35 13.23 -3.42
CA ILE A 87 -0.46 12.28 -2.75
C ILE A 87 0.59 11.80 -3.73
N GLY A 88 0.17 11.47 -4.95
CA GLY A 88 1.11 10.98 -5.96
C GLY A 88 2.18 11.99 -6.29
N LEU A 89 1.78 13.24 -6.51
CA LEU A 89 2.77 14.28 -6.79
C LEU A 89 3.65 14.54 -5.57
N ALA A 90 3.08 14.53 -4.37
CA ALA A 90 3.92 14.74 -3.19
C ALA A 90 4.99 13.67 -3.11
N PHE A 91 4.59 12.42 -3.31
CA PHE A 91 5.49 11.27 -3.28
C PHE A 91 6.56 11.38 -4.36
N VAL A 92 6.15 11.62 -5.60
CA VAL A 92 7.13 11.68 -6.69
C VAL A 92 8.06 12.87 -6.53
N CYS A 93 7.53 14.01 -6.09
CA CYS A 93 8.38 15.17 -5.86
C CYS A 93 9.44 14.90 -4.79
N ALA A 94 9.05 14.24 -3.70
CA ALA A 94 10.04 13.88 -2.69
C ALA A 94 11.07 12.93 -3.27
N ALA A 95 10.63 11.94 -4.04
CA ALA A 95 11.58 10.97 -4.60
C ALA A 95 12.50 11.58 -5.65
N LYS A 96 12.05 12.59 -6.40
CA LYS A 96 12.82 13.13 -7.52
C LYS A 96 13.47 14.46 -7.20
N GLY A 97 13.26 15.01 -6.01
CA GLY A 97 13.92 16.25 -5.63
C GLY A 97 13.25 17.52 -6.13
N TYR A 98 11.92 17.53 -6.19
CA TYR A 98 11.15 18.72 -6.54
C TYR A 98 10.38 19.20 -5.31
N LYS A 99 9.94 20.44 -5.34
CA LYS A 99 9.12 21.01 -4.30
C LYS A 99 7.69 21.07 -4.80
N ALA A 100 6.75 20.58 -4.02
CA ALA A 100 5.36 20.53 -4.41
C ALA A 100 4.56 21.49 -3.56
N VAL A 101 3.66 22.23 -4.20
CA VAL A 101 2.68 23.09 -3.56
C VAL A 101 1.32 22.63 -4.05
N PHE A 102 0.40 22.40 -3.11
CA PHE A 102 -0.96 22.02 -3.46
C PHE A 102 -1.93 23.06 -2.94
N THR A 103 -2.88 23.44 -3.77
CA THR A 103 -4.00 24.23 -3.30
C THR A 103 -5.17 23.30 -3.05
N MET A 104 -5.91 23.57 -1.99
CA MET A 104 -7.06 22.75 -1.68
C MET A 104 -7.94 23.46 -0.68
N PRO A 105 -9.24 23.21 -0.72
CA PRO A 105 -10.12 23.85 0.26
C PRO A 105 -9.71 23.47 1.66
N GLU A 106 -9.93 24.39 2.60
CA GLU A 106 -9.51 24.23 3.99
C GLU A 106 -10.25 23.12 4.74
N THR A 107 -11.17 22.40 4.09
CA THR A 107 -11.90 21.29 4.66
C THR A 107 -11.08 20.00 4.78
N MET A 108 -9.88 19.96 4.20
CA MET A 108 -9.00 18.81 4.32
C MET A 108 -8.68 18.43 5.76
N SER A 109 -8.69 17.12 6.03
CA SER A 109 -8.48 16.59 7.36
C SER A 109 -7.02 16.70 7.79
N GLN A 110 -6.80 16.64 9.11
CA GLN A 110 -5.45 16.74 9.65
C GLN A 110 -4.59 15.56 9.23
N GLU A 111 -5.17 14.35 9.14
CA GLU A 111 -4.42 13.18 8.69
C GLU A 111 -3.94 13.36 7.26
N ARG A 112 -4.79 13.89 6.37
CA ARG A 112 -4.34 14.12 4.99
C ARG A 112 -3.26 15.20 4.93
N ARG A 113 -3.40 16.26 5.73
CA ARG A 113 -2.35 17.26 5.77
C ARG A 113 -1.04 16.64 6.27
N ASN A 114 -1.12 15.75 7.26
CA ASN A 114 0.09 15.07 7.74
C ASN A 114 0.73 14.27 6.61
N LEU A 115 -0.08 13.57 5.83
CA LEU A 115 0.44 12.73 4.77
C LEU A 115 1.19 13.56 3.74
N LEU A 116 0.58 14.66 3.27
CA LEU A 116 1.25 15.48 2.26
C LEU A 116 2.48 16.16 2.84
N LYS A 117 2.38 16.65 4.08
CA LYS A 117 3.53 17.29 4.71
C LYS A 117 4.63 16.29 5.05
N ALA A 118 4.30 15.01 5.26
CA ALA A 118 5.33 14.00 5.50
C ALA A 118 6.27 13.87 4.31
N TYR A 119 5.75 14.08 3.10
CA TYR A 119 6.58 14.11 1.92
C TYR A 119 7.20 15.47 1.67
N GLY A 120 6.95 16.44 2.54
CA GLY A 120 7.55 17.75 2.39
C GLY A 120 6.78 18.74 1.56
N ALA A 121 5.54 18.42 1.17
CA ALA A 121 4.74 19.34 0.38
C ALA A 121 4.30 20.52 1.22
N GLU A 122 4.06 21.64 0.53
CA GLU A 122 3.48 22.82 1.15
C GLU A 122 2.03 22.92 0.72
N LEU A 123 1.16 23.29 1.65
CA LEU A 123 -0.26 23.40 1.37
C LEU A 123 -0.70 24.86 1.40
N VAL A 124 -1.51 25.23 0.42
CA VAL A 124 -2.14 26.55 0.34
C VAL A 124 -3.65 26.32 0.42
N LEU A 125 -4.24 26.71 1.54
CA LEU A 125 -5.64 26.37 1.80
C LEU A 125 -6.54 27.48 1.28
N THR A 126 -7.58 27.11 0.59
CA THR A 126 -8.52 28.03 0.00
C THR A 126 -9.88 27.91 0.69
N PRO A 127 -10.77 28.89 0.49
CA PRO A 127 -12.00 28.91 1.29
C PRO A 127 -12.81 27.64 1.10
N GLY A 128 -13.26 27.07 2.21
CA GLY A 128 -14.01 25.82 2.13
C GLY A 128 -15.25 25.92 1.28
N SER A 129 -15.97 27.04 1.39
CA SER A 129 -17.22 27.19 0.64
C SER A 129 -16.97 27.29 -0.86
N GLU A 130 -15.75 27.58 -1.28
CA GLU A 130 -15.42 27.71 -2.70
C GLU A 130 -14.97 26.38 -3.31
N ALA A 131 -14.74 25.37 -2.47
CA ALA A 131 -14.46 24.01 -2.93
C ALA A 131 -13.38 23.97 -4.00
N MET A 132 -13.55 23.14 -5.03
CA MET A 132 -12.48 22.99 -6.03
C MET A 132 -12.28 24.24 -6.88
N LYS A 133 -13.35 24.98 -7.19
CA LYS A 133 -13.18 26.19 -7.98
C LYS A 133 -12.18 27.15 -7.32
N GLY A 134 -12.28 27.31 -6.01
CA GLY A 134 -11.35 28.19 -5.31
C GLY A 134 -9.91 27.69 -5.39
N ALA A 135 -9.72 26.38 -5.25
CA ALA A 135 -8.37 25.81 -5.31
C ALA A 135 -7.79 25.94 -6.72
N ILE A 136 -8.61 25.68 -7.74
CA ILE A 136 -8.13 25.81 -9.11
C ILE A 136 -7.74 27.24 -9.41
N LYS A 137 -8.55 28.21 -8.98
CA LYS A 137 -8.24 29.61 -9.21
C LYS A 137 -6.94 30.00 -8.51
N LYS A 138 -6.75 29.58 -7.26
CA LYS A 138 -5.53 29.92 -6.54
C LYS A 138 -4.30 29.30 -7.18
N ALA A 139 -4.40 28.06 -7.67
CA ALA A 139 -3.26 27.44 -8.32
C ALA A 139 -2.84 28.22 -9.56
N LYS A 140 -3.82 28.67 -10.37
CA LYS A 140 -3.53 29.46 -11.55
C LYS A 140 -2.88 30.78 -11.17
N GLU A 141 -3.37 31.39 -10.10
CA GLU A 141 -2.81 32.65 -9.65
C GLU A 141 -1.36 32.47 -9.21
N LEU A 142 -1.08 31.40 -8.46
CA LEU A 142 0.28 31.12 -8.02
C LEU A 142 1.20 30.80 -9.19
N LYS A 143 0.70 30.05 -10.17
CA LYS A 143 1.48 29.78 -11.37
C LYS A 143 1.88 31.07 -12.07
N GLU A 144 0.92 32.00 -12.23
CA GLU A 144 1.21 33.23 -12.96
C GLU A 144 2.08 34.17 -12.15
N GLU A 145 1.87 34.23 -10.83
CA GLU A 145 2.65 35.13 -9.99
C GLU A 145 4.09 34.65 -9.82
N HIS A 146 4.29 33.34 -9.65
CA HIS A 146 5.56 32.81 -9.22
C HIS A 146 6.29 32.01 -10.28
N GLY A 147 5.64 31.65 -11.39
CA GLY A 147 6.29 30.82 -12.38
C GLY A 147 6.38 29.36 -12.02
N TYR A 148 5.58 28.90 -11.06
CA TYR A 148 5.55 27.48 -10.75
C TYR A 148 5.11 26.69 -11.98
N PHE A 149 5.61 25.47 -12.10
CA PHE A 149 5.11 24.58 -13.14
C PHE A 149 3.81 23.94 -12.65
N GLU A 150 2.79 23.91 -13.51
CA GLU A 150 1.51 23.29 -13.16
C GLU A 150 1.32 22.05 -13.99
N PRO A 151 1.36 20.86 -13.41
CA PRO A 151 1.17 19.64 -14.22
C PRO A 151 -0.12 19.63 -15.02
N GLN A 152 -1.24 20.07 -14.44
CA GLN A 152 -2.53 20.15 -15.13
C GLN A 152 -3.03 18.76 -15.55
N GLN A 153 -3.42 18.01 -14.53
CA GLN A 153 -3.75 16.61 -14.73
C GLN A 153 -4.93 16.40 -15.66
N PHE A 154 -5.81 17.40 -15.81
CA PHE A 154 -6.98 17.24 -16.67
C PHE A 154 -6.72 17.66 -18.10
N GLU A 155 -5.54 18.19 -18.41
CA GLU A 155 -5.18 18.58 -19.77
C GLU A 155 -3.87 18.03 -20.27
N ASN A 156 -3.01 17.53 -19.41
CA ASN A 156 -1.67 17.15 -19.80
C ASN A 156 -1.69 15.84 -20.58
N PRO A 157 -1.23 15.81 -21.83
CA PRO A 157 -1.29 14.56 -22.60
C PRO A 157 -0.42 13.46 -22.01
N ALA A 158 0.55 13.79 -21.15
CA ALA A 158 1.36 12.75 -20.54
C ALA A 158 0.54 11.83 -19.65
N ASN A 159 -0.64 12.25 -19.22
CA ASN A 159 -1.52 11.45 -18.37
C ASN A 159 -2.09 10.28 -19.17
N PRO A 160 -2.91 10.47 -20.20
CA PRO A 160 -3.34 9.29 -20.98
C PRO A 160 -2.18 8.58 -21.62
N GLU A 161 -1.13 9.30 -22.03
CA GLU A 161 0.01 8.65 -22.68
C GLU A 161 0.68 7.62 -21.77
N VAL A 162 0.82 7.92 -20.46
CA VAL A 162 1.48 6.95 -19.61
C VAL A 162 0.69 5.66 -19.55
N HIS A 163 -0.63 5.74 -19.56
CA HIS A 163 -1.44 4.53 -19.56
C HIS A 163 -1.34 3.78 -20.88
N GLU A 164 -1.10 4.51 -21.96
CA GLU A 164 -0.85 3.84 -23.23
C GLU A 164 0.48 3.10 -23.25
N LEU A 165 1.49 3.62 -22.52
CA LEU A 165 2.83 3.04 -22.54
C LEU A 165 3.06 2.01 -21.46
N THR A 166 2.31 2.09 -20.35
CA THR A 166 2.59 1.26 -19.18
C THR A 166 1.37 0.43 -18.81
N THR A 167 0.30 1.03 -18.27
CA THR A 167 -0.83 0.25 -17.76
C THR A 167 -1.40 -0.66 -18.82
N GLY A 168 -1.64 -0.12 -20.02
CA GLY A 168 -2.25 -0.93 -21.06
C GLY A 168 -1.40 -2.10 -21.52
N PRO A 169 -0.13 -1.83 -21.88
CA PRO A 169 0.75 -2.95 -22.27
C PRO A 169 0.98 -3.94 -21.15
N GLU A 170 0.92 -3.52 -19.88
CA GLU A 170 0.97 -4.52 -18.81
C GLU A 170 -0.21 -5.47 -18.94
N LEU A 171 -1.41 -4.92 -19.18
CA LEU A 171 -2.59 -5.76 -19.33
C LEU A 171 -2.43 -6.71 -20.51
N LEU A 172 -1.86 -6.23 -21.63
CA LEU A 172 -1.65 -7.13 -22.77
C LEU A 172 -0.76 -8.30 -22.37
N GLN A 173 0.31 -8.03 -21.65
CA GLN A 173 1.18 -9.12 -21.18
C GLN A 173 0.43 -10.02 -20.21
N GLN A 174 -0.32 -9.44 -19.28
CA GLN A 174 -1.05 -10.24 -18.30
C GLN A 174 -2.11 -11.13 -18.94
N PHE A 175 -2.67 -10.71 -20.08
CA PHE A 175 -3.77 -11.43 -20.73
C PHE A 175 -3.34 -12.12 -22.01
N GLU A 176 -2.04 -12.31 -22.23
CA GLU A 176 -1.61 -13.13 -23.34
C GLU A 176 -2.22 -14.53 -23.21
N GLY A 177 -2.70 -15.06 -24.33
CA GLY A 177 -3.44 -16.31 -24.31
C GLY A 177 -4.90 -16.17 -23.99
N LYS A 178 -5.36 -14.97 -23.66
CA LYS A 178 -6.76 -14.68 -23.49
C LYS A 178 -7.08 -13.50 -24.42
N THR A 179 -8.36 -13.31 -24.63
CA THR A 179 -8.84 -12.07 -25.21
C THR A 179 -9.66 -11.38 -24.13
N ILE A 180 -9.58 -10.06 -24.09
CA ILE A 180 -10.42 -9.30 -23.18
C ILE A 180 -11.66 -8.86 -23.93
N ASP A 181 -12.84 -9.22 -23.40
CA ASP A 181 -14.10 -8.86 -24.04
C ASP A 181 -14.63 -7.50 -23.60
N ALA A 182 -14.32 -7.07 -22.38
CA ALA A 182 -14.75 -5.75 -21.96
C ALA A 182 -13.73 -5.20 -20.99
N PHE A 183 -13.41 -3.91 -21.13
CA PHE A 183 -12.60 -3.18 -20.16
C PHE A 183 -13.41 -2.00 -19.67
N LEU A 184 -13.48 -1.84 -18.35
CA LEU A 184 -14.28 -0.78 -17.74
C LEU A 184 -13.38 -0.01 -16.78
N ALA A 185 -13.58 1.32 -16.72
CA ALA A 185 -12.84 2.09 -15.73
C ALA A 185 -13.65 3.32 -15.33
N GLY A 186 -13.60 3.62 -14.03
CA GLY A 186 -14.08 4.91 -13.56
C GLY A 186 -13.30 6.05 -14.17
N VAL A 187 -13.99 7.15 -14.43
CA VAL A 187 -13.39 8.34 -15.03
C VAL A 187 -13.24 9.42 -13.97
N GLY A 188 -12.00 9.78 -13.68
CA GLY A 188 -11.66 10.97 -12.92
C GLY A 188 -11.10 11.99 -13.89
N THR A 189 -9.81 11.86 -14.24
CA THR A 189 -9.26 12.56 -15.39
C THR A 189 -9.62 11.88 -16.70
N GLY A 190 -9.97 10.61 -16.65
CA GLY A 190 -10.14 9.86 -17.88
C GLY A 190 -8.87 9.36 -18.52
N GLY A 191 -7.70 9.59 -17.92
CA GLY A 191 -6.48 9.11 -18.55
C GLY A 191 -6.39 7.60 -18.57
N THR A 192 -6.79 6.92 -17.48
CA THR A 192 -6.73 5.46 -17.45
C THR A 192 -7.61 4.87 -18.56
N LEU A 193 -8.88 5.25 -18.59
CA LEU A 193 -9.77 4.70 -19.61
C LEU A 193 -9.24 4.98 -21.00
N SER A 194 -8.74 6.19 -21.23
CA SER A 194 -8.35 6.59 -22.58
C SER A 194 -7.10 5.88 -23.04
N GLY A 195 -6.07 5.87 -22.19
CA GLY A 195 -4.82 5.23 -22.60
C GLY A 195 -4.91 3.72 -22.64
N VAL A 196 -5.50 3.12 -21.59
CA VAL A 196 -5.67 1.67 -21.64
C VAL A 196 -6.60 1.30 -22.76
N GLY A 197 -7.71 2.03 -22.88
CA GLY A 197 -8.68 1.71 -23.92
C GLY A 197 -8.07 1.73 -25.31
N LYS A 198 -7.22 2.72 -25.61
CA LYS A 198 -6.59 2.79 -26.93
C LYS A 198 -5.75 1.53 -27.19
N VAL A 199 -4.94 1.13 -26.22
CA VAL A 199 -4.07 -0.03 -26.38
C VAL A 199 -4.89 -1.31 -26.53
N LEU A 200 -5.91 -1.47 -25.70
CA LEU A 200 -6.69 -2.71 -25.74
C LEU A 200 -7.53 -2.79 -27.01
N LYS A 201 -8.05 -1.66 -27.49
CA LYS A 201 -8.85 -1.68 -28.72
C LYS A 201 -7.99 -2.03 -29.92
N LYS A 202 -6.73 -1.59 -29.93
CA LYS A 202 -5.82 -1.96 -31.02
C LYS A 202 -5.56 -3.47 -31.02
N GLU A 203 -5.34 -4.05 -29.85
CA GLU A 203 -5.03 -5.48 -29.79
C GLU A 203 -6.27 -6.34 -29.93
N TYR A 204 -7.40 -5.87 -29.40
CA TYR A 204 -8.64 -6.63 -29.36
C TYR A 204 -9.74 -5.78 -29.96
N PRO A 205 -9.86 -5.73 -31.29
CA PRO A 205 -10.77 -4.74 -31.91
C PRO A 205 -12.24 -4.95 -31.64
N ASN A 206 -12.63 -6.09 -31.07
CA ASN A 206 -14.02 -6.36 -30.76
C ASN A 206 -14.34 -6.10 -29.29
N ILE A 207 -13.36 -5.62 -28.52
CA ILE A 207 -13.59 -5.30 -27.12
C ILE A 207 -14.62 -4.18 -26.95
N GLU A 208 -15.38 -4.22 -25.85
CA GLU A 208 -16.20 -3.11 -25.43
C GLU A 208 -15.44 -2.33 -24.36
N ILE A 209 -15.39 -1.01 -24.51
CA ILE A 209 -14.77 -0.10 -23.53
C ILE A 209 -15.90 0.67 -22.85
N VAL A 210 -15.93 0.65 -21.51
CA VAL A 210 -17.05 1.22 -20.73
C VAL A 210 -16.51 2.25 -19.72
N ALA A 211 -17.05 3.47 -19.77
CA ALA A 211 -16.77 4.50 -18.78
C ALA A 211 -17.71 4.36 -17.60
N ILE A 212 -17.19 4.54 -16.38
CA ILE A 212 -17.99 4.54 -15.17
C ILE A 212 -17.97 5.94 -14.57
N GLU A 213 -19.15 6.42 -14.20
CA GLU A 213 -19.28 7.73 -13.56
C GLU A 213 -20.35 7.68 -12.47
N PRO A 214 -20.43 8.69 -11.60
CA PRO A 214 -21.45 8.67 -10.55
C PRO A 214 -22.83 8.96 -11.12
N GLU A 215 -23.80 8.15 -10.69
CA GLU A 215 -25.19 8.45 -11.02
C GLU A 215 -25.58 9.86 -10.56
N ALA A 216 -25.00 10.32 -9.46
CA ALA A 216 -25.33 11.62 -8.90
C ALA A 216 -24.63 12.77 -9.60
N SER A 217 -23.68 12.50 -10.49
CA SER A 217 -23.01 13.57 -11.24
C SER A 217 -22.70 13.06 -12.64
N PRO A 218 -23.74 12.84 -13.45
CA PRO A 218 -23.56 12.04 -14.67
C PRO A 218 -23.26 12.90 -15.90
N VAL A 219 -22.12 13.60 -15.84
CA VAL A 219 -21.76 14.57 -16.87
C VAL A 219 -21.42 13.89 -18.20
N LEU A 220 -20.74 12.74 -18.18
CA LEU A 220 -20.46 12.06 -19.46
C LEU A 220 -21.74 11.63 -20.16
N SER A 221 -22.78 11.32 -19.40
CA SER A 221 -24.08 10.90 -19.92
C SER A 221 -24.90 12.09 -20.41
N GLY A 222 -24.38 13.32 -20.30
CA GLY A 222 -25.11 14.50 -20.69
C GLY A 222 -25.86 15.19 -19.57
N GLY A 223 -25.75 14.70 -18.35
CA GLY A 223 -26.43 15.29 -17.21
C GLY A 223 -25.62 16.40 -16.59
N GLU A 224 -26.16 16.91 -15.45
CA GLU A 224 -25.49 18.04 -14.84
C GLU A 224 -24.64 17.58 -13.66
N PRO A 225 -23.60 18.35 -13.34
CA PRO A 225 -22.82 18.03 -12.13
C PRO A 225 -23.73 18.10 -10.92
N GLY A 226 -23.45 17.25 -9.94
CA GLY A 226 -24.18 17.26 -8.70
C GLY A 226 -23.33 16.65 -7.62
N PRO A 227 -23.65 16.89 -6.35
CA PRO A 227 -22.85 16.33 -5.25
C PRO A 227 -22.87 14.80 -5.27
N HIS A 228 -21.71 14.21 -5.05
CA HIS A 228 -21.61 12.77 -5.07
C HIS A 228 -20.46 12.38 -4.14
N LYS A 229 -20.41 11.10 -3.82
CA LYS A 229 -19.45 10.59 -2.84
C LYS A 229 -18.45 9.59 -3.43
N LEU A 230 -18.33 9.50 -4.76
CA LEU A 230 -17.43 8.52 -5.36
C LEU A 230 -16.06 9.17 -5.53
N GLN A 231 -15.28 9.14 -4.44
N GLN A 231 -15.30 9.19 -4.44
CA GLN A 231 -13.93 9.69 -4.41
CA GLN A 231 -14.00 9.87 -4.45
C GLN A 231 -13.12 9.21 -5.60
C GLN A 231 -13.12 9.26 -5.53
N GLY A 232 -12.53 10.15 -6.32
CA GLY A 232 -11.73 9.79 -7.47
C GLY A 232 -12.47 9.98 -8.78
N LEU A 233 -13.80 10.03 -8.75
CA LEU A 233 -14.63 10.17 -9.93
C LEU A 233 -15.36 11.49 -9.93
N GLY A 234 -16.07 11.74 -11.05
CA GLY A 234 -17.02 12.83 -11.05
C GLY A 234 -16.44 14.24 -10.95
N ALA A 235 -15.58 14.59 -11.91
CA ALA A 235 -14.95 15.91 -11.88
C ALA A 235 -15.94 17.04 -12.16
N GLY A 236 -17.11 16.74 -12.72
CA GLY A 236 -18.09 17.77 -13.00
C GLY A 236 -17.94 18.45 -14.33
N PHE A 237 -17.03 17.98 -15.16
CA PHE A 237 -16.80 18.50 -16.49
C PHE A 237 -16.18 17.35 -17.26
N ILE A 238 -16.03 17.53 -18.57
CA ILE A 238 -15.42 16.52 -19.43
C ILE A 238 -13.94 16.89 -19.55
N PRO A 239 -13.03 16.11 -18.96
CA PRO A 239 -11.62 16.48 -19.01
C PRO A 239 -11.03 16.42 -20.41
N GLY A 240 -10.05 17.29 -20.66
CA GLY A 240 -9.31 17.21 -21.91
C GLY A 240 -8.59 15.89 -22.06
N THR A 241 -8.20 15.26 -20.95
CA THR A 241 -7.47 14.01 -20.95
C THR A 241 -8.40 12.81 -21.20
N LEU A 242 -9.70 13.02 -21.31
CA LEU A 242 -10.63 11.94 -21.62
C LEU A 242 -10.92 11.97 -23.12
N ASN A 243 -10.66 10.87 -23.79
CA ASN A 243 -11.01 10.70 -25.20
C ASN A 243 -12.45 10.24 -25.21
N THR A 244 -13.39 11.15 -25.52
CA THR A 244 -14.80 10.80 -25.42
C THR A 244 -15.24 9.83 -26.51
N GLU A 245 -14.38 9.53 -27.47
CA GLU A 245 -14.66 8.51 -28.48
C GLU A 245 -14.21 7.11 -28.06
N ILE A 246 -13.48 6.96 -26.95
CA ILE A 246 -12.90 5.65 -26.64
C ILE A 246 -13.92 4.65 -26.12
N TYR A 247 -14.97 5.13 -25.45
CA TYR A 247 -15.93 4.24 -24.79
C TYR A 247 -17.16 4.03 -25.66
N ASP A 248 -17.66 2.81 -25.60
CA ASP A 248 -18.86 2.40 -26.29
C ASP A 248 -20.10 2.62 -25.47
N SER A 249 -19.97 2.68 -24.15
CA SER A 249 -21.11 2.88 -23.27
C SER A 249 -20.61 3.44 -21.96
N ILE A 250 -21.56 3.84 -21.15
CA ILE A 250 -21.34 4.44 -19.84
C ILE A 250 -22.20 3.69 -18.84
N ILE A 251 -21.62 3.33 -17.69
CA ILE A 251 -22.40 2.82 -16.57
C ILE A 251 -22.35 3.83 -15.44
N LYS A 252 -23.52 4.27 -14.98
CA LYS A 252 -23.66 5.17 -13.84
C LYS A 252 -23.85 4.33 -12.59
N VAL A 253 -23.14 4.70 -11.52
CA VAL A 253 -23.17 3.95 -10.26
C VAL A 253 -23.57 4.87 -9.12
N GLY A 254 -24.51 4.39 -8.28
CA GLY A 254 -24.92 5.15 -7.12
C GLY A 254 -23.93 5.08 -5.96
N ASN A 255 -24.04 6.07 -5.06
CA ASN A 255 -23.14 6.12 -3.91
C ASN A 255 -23.27 4.85 -3.05
N ASP A 256 -24.51 4.44 -2.76
CA ASP A 256 -24.72 3.31 -1.86
C ASP A 256 -24.33 1.99 -2.50
N THR A 257 -24.64 1.80 -3.79
CA THR A 257 -24.27 0.59 -4.50
C THR A 257 -22.75 0.38 -4.49
N ALA A 258 -22.00 1.45 -4.71
CA ALA A 258 -20.56 1.35 -4.73
C ALA A 258 -20.02 1.01 -3.35
N MET A 259 -20.55 1.64 -2.30
N MET A 259 -20.56 1.63 -2.30
CA MET A 259 -20.10 1.33 -0.94
CA MET A 259 -20.10 1.34 -0.95
C MET A 259 -20.41 -0.11 -0.58
C MET A 259 -20.41 -0.11 -0.58
N GLU A 260 -21.61 -0.59 -0.92
CA GLU A 260 -21.96 -1.96 -0.60
C GLU A 260 -21.04 -2.95 -1.32
N MET A 261 -20.67 -2.67 -2.57
CA MET A 261 -19.74 -3.53 -3.28
C MET A 261 -18.36 -3.52 -2.69
N SER A 262 -17.84 -2.34 -2.34
CA SER A 262 -16.53 -2.33 -1.71
C SER A 262 -16.52 -3.17 -0.45
N ARG A 263 -17.58 -3.09 0.33
CA ARG A 263 -17.63 -3.87 1.57
C ARG A 263 -17.66 -5.36 1.28
N ARG A 264 -18.46 -5.78 0.30
CA ARG A 264 -18.49 -7.19 -0.07
C ARG A 264 -17.13 -7.65 -0.56
N VAL A 265 -16.48 -6.85 -1.40
CA VAL A 265 -15.21 -7.28 -1.97
C VAL A 265 -14.14 -7.43 -0.89
N ALA A 266 -14.11 -6.52 0.09
CA ALA A 266 -13.15 -6.65 1.18
C ALA A 266 -13.42 -7.93 1.99
N LYS A 267 -14.69 -8.20 2.31
CA LYS A 267 -15.01 -9.32 3.18
C LYS A 267 -14.95 -10.66 2.45
N GLU A 268 -15.37 -10.69 1.20
CA GLU A 268 -15.54 -11.95 0.49
C GLU A 268 -14.39 -12.25 -0.46
N GLU A 269 -13.60 -11.26 -0.87
CA GLU A 269 -12.41 -11.51 -1.67
C GLU A 269 -11.11 -11.20 -0.93
N GLY A 270 -11.19 -10.47 0.18
CA GLY A 270 -9.98 -10.04 0.85
C GLY A 270 -9.27 -8.90 0.13
N ILE A 271 -10.00 -8.16 -0.71
CA ILE A 271 -9.47 -7.06 -1.52
C ILE A 271 -10.05 -5.78 -0.94
N LEU A 272 -9.22 -4.97 -0.27
CA LEU A 272 -9.68 -3.80 0.48
C LEU A 272 -9.39 -2.56 -0.36
N ALA A 273 -10.42 -2.02 -1.02
CA ALA A 273 -10.23 -0.96 -2.02
C ALA A 273 -11.17 0.22 -1.74
N GLY A 274 -10.93 1.35 -2.39
CA GLY A 274 -11.75 2.54 -2.21
C GLY A 274 -13.13 2.44 -2.85
N ILE A 275 -13.91 3.49 -2.62
CA ILE A 275 -15.30 3.46 -3.12
C ILE A 275 -15.33 3.47 -4.65
N SER A 276 -14.34 4.09 -5.30
CA SER A 276 -14.37 4.08 -6.77
C SER A 276 -14.06 2.69 -7.30
N SER A 277 -13.32 1.89 -6.53
CA SER A 277 -13.09 0.49 -6.88
C SER A 277 -14.37 -0.31 -6.72
N GLY A 278 -15.16 0.01 -5.70
CA GLY A 278 -16.44 -0.65 -5.55
C GLY A 278 -17.38 -0.32 -6.70
N ALA A 279 -17.35 0.93 -7.16
CA ALA A 279 -18.13 1.32 -8.32
C ALA A 279 -17.65 0.57 -9.56
N ALA A 280 -16.34 0.48 -9.76
CA ALA A 280 -15.80 -0.24 -10.92
C ALA A 280 -16.21 -1.72 -10.88
N ILE A 281 -16.11 -2.36 -9.73
CA ILE A 281 -16.45 -3.78 -9.64
C ILE A 281 -17.95 -3.99 -9.83
N TYR A 282 -18.79 -3.12 -9.25
CA TYR A 282 -20.23 -3.25 -9.49
C TYR A 282 -20.54 -3.18 -10.97
N ALA A 283 -19.94 -2.23 -11.67
CA ALA A 283 -20.18 -2.10 -13.11
C ALA A 283 -19.63 -3.29 -13.87
N ALA A 284 -18.43 -3.77 -13.50
CA ALA A 284 -17.86 -4.92 -14.18
C ALA A 284 -18.73 -6.15 -14.00
N ILE A 285 -19.33 -6.30 -12.83
CA ILE A 285 -20.20 -7.46 -12.59
C ILE A 285 -21.47 -7.35 -13.43
N GLN A 286 -22.04 -6.15 -13.54
CA GLN A 286 -23.18 -5.95 -14.43
C GLN A 286 -22.83 -6.37 -15.85
N LYS A 287 -21.68 -5.93 -16.34
CA LYS A 287 -21.25 -6.29 -17.68
C LYS A 287 -20.97 -7.79 -17.80
N ALA A 288 -20.36 -8.39 -16.78
CA ALA A 288 -20.08 -9.82 -16.82
C ALA A 288 -21.37 -10.65 -16.92
N LYS A 289 -22.42 -10.24 -16.21
CA LYS A 289 -23.69 -10.96 -16.30
C LYS A 289 -24.27 -10.87 -17.70
N GLU A 290 -24.07 -9.76 -18.40
N GLU A 290 -24.08 -9.73 -18.37
CA GLU A 290 -24.59 -9.60 -19.74
CA GLU A 290 -24.53 -9.55 -19.74
C GLU A 290 -23.78 -10.40 -20.77
C GLU A 290 -23.78 -10.50 -20.67
N LEU A 291 -22.46 -10.53 -20.55
CA LEU A 291 -21.64 -11.25 -21.52
C LEU A 291 -21.66 -12.76 -21.31
N GLY A 292 -21.84 -13.23 -20.07
CA GLY A 292 -22.00 -14.64 -19.81
C GLY A 292 -20.70 -15.42 -19.67
N LYS A 293 -20.87 -16.69 -19.28
CA LYS A 293 -19.76 -17.57 -18.91
C LYS A 293 -18.71 -17.66 -20.01
N GLY A 294 -17.45 -17.73 -19.58
CA GLY A 294 -16.33 -17.93 -20.48
C GLY A 294 -15.74 -16.66 -21.06
N LYS A 295 -16.45 -15.53 -20.99
CA LYS A 295 -15.92 -14.24 -21.43
C LYS A 295 -15.04 -13.62 -20.34
N THR A 296 -14.35 -12.55 -20.72
CA THR A 296 -13.33 -11.94 -19.85
C THR A 296 -13.56 -10.45 -19.71
N VAL A 297 -13.79 -9.99 -18.48
CA VAL A 297 -14.06 -8.60 -18.16
C VAL A 297 -12.95 -8.14 -17.22
N VAL A 298 -12.40 -6.96 -17.49
CA VAL A 298 -11.27 -6.41 -16.75
C VAL A 298 -11.60 -5.01 -16.29
N THR A 299 -11.22 -4.68 -15.04
CA THR A 299 -11.33 -3.33 -14.53
C THR A 299 -10.10 -3.02 -13.68
N VAL A 300 -10.05 -1.76 -13.21
CA VAL A 300 -8.93 -1.22 -12.44
C VAL A 300 -9.44 -0.78 -11.09
N LEU A 301 -8.67 -1.10 -10.02
CA LEU A 301 -8.99 -0.63 -8.66
C LEU A 301 -8.00 0.48 -8.35
N PRO A 302 -8.41 1.74 -8.35
CA PRO A 302 -7.42 2.83 -8.27
C PRO A 302 -6.74 3.01 -6.94
N SER A 303 -7.36 2.66 -5.82
CA SER A 303 -6.80 3.04 -4.52
C SER A 303 -7.25 2.03 -3.46
N ASN A 304 -6.56 2.05 -2.31
CA ASN A 304 -6.77 1.08 -1.23
C ASN A 304 -7.80 1.58 -0.21
N GLY A 305 -8.58 0.65 0.36
CA GLY A 305 -9.59 1.06 1.33
C GLY A 305 -9.01 1.69 2.59
N GLU A 306 -7.75 1.37 2.93
CA GLU A 306 -7.12 1.94 4.11
C GLU A 306 -6.99 3.46 4.05
N ARG A 307 -6.98 4.04 2.85
CA ARG A 307 -6.92 5.50 2.68
C ARG A 307 -8.25 6.16 3.02
N TYR A 308 -9.30 5.38 3.27
CA TYR A 308 -10.64 5.93 3.43
C TYR A 308 -11.32 5.50 4.72
N LEU A 309 -10.55 5.12 5.74
CA LEU A 309 -11.13 4.61 6.98
C LEU A 309 -11.89 5.67 7.76
N SER A 310 -11.72 6.95 7.43
CA SER A 310 -12.45 8.03 8.09
C SER A 310 -13.63 8.54 7.25
N THR A 311 -13.96 7.90 6.14
CA THR A 311 -15.18 8.16 5.41
C THR A 311 -16.24 7.16 5.84
N PRO A 312 -17.49 7.34 5.40
CA PRO A 312 -18.52 6.33 5.73
C PRO A 312 -18.26 4.95 5.14
N LEU A 313 -17.35 4.83 4.17
CA LEU A 313 -17.19 3.60 3.40
C LEU A 313 -17.04 2.38 4.30
N TYR A 314 -16.16 2.45 5.29
CA TYR A 314 -15.91 1.31 6.16
C TYR A 314 -16.30 1.61 7.61
N SER A 315 -17.29 2.47 7.79
CA SER A 315 -17.84 2.76 9.12
C SER A 315 -19.05 1.86 9.34
N PHE A 316 -18.90 0.86 10.21
CA PHE A 316 -19.98 -0.09 10.46
C PHE A 316 -20.84 0.30 11.67
N HIS B 3 5.36 -4.91 -30.48
CA HIS B 3 6.43 -4.24 -29.73
C HIS B 3 5.89 -3.28 -28.67
N HIS B 4 6.06 -3.63 -27.40
CA HIS B 4 5.77 -2.71 -26.29
C HIS B 4 6.99 -2.68 -25.39
N HIS B 5 7.74 -1.57 -25.44
CA HIS B 5 9.07 -1.45 -24.87
C HIS B 5 9.15 -0.56 -23.64
N HIS B 6 8.02 -0.07 -23.14
CA HIS B 6 8.04 0.96 -22.11
C HIS B 6 7.39 0.57 -20.80
N HIS B 7 7.07 -0.71 -20.59
CA HIS B 7 6.36 -1.14 -19.40
C HIS B 7 7.20 -2.12 -18.59
N HIS B 8 6.92 -2.14 -17.29
CA HIS B 8 7.56 -3.09 -16.41
C HIS B 8 6.83 -4.41 -16.54
N MET B 9 7.54 -5.48 -16.25
CA MET B 9 6.91 -6.78 -16.25
C MET B 9 5.86 -6.86 -15.15
N ALA B 10 4.68 -7.35 -15.51
CA ALA B 10 3.61 -7.54 -14.56
C ALA B 10 3.23 -9.01 -14.57
N GLN B 11 2.93 -9.52 -13.38
CA GLN B 11 2.71 -10.95 -13.24
C GLN B 11 1.30 -11.34 -13.66
N LYS B 12 1.20 -12.57 -14.19
CA LYS B 12 -0.04 -13.05 -14.74
C LYS B 12 -1.13 -13.10 -13.67
N PRO B 13 -2.39 -13.06 -14.09
CA PRO B 13 -3.48 -13.03 -13.11
C PRO B 13 -3.44 -14.21 -12.17
N VAL B 14 -3.83 -13.95 -10.93
CA VAL B 14 -3.91 -14.98 -9.90
C VAL B 14 -5.35 -15.09 -9.47
N ASP B 15 -5.71 -16.25 -8.91
CA ASP B 15 -7.08 -16.47 -8.46
C ASP B 15 -7.35 -15.93 -7.06
N ASN B 16 -6.31 -15.66 -6.27
CA ASN B 16 -6.48 -15.26 -4.89
C ASN B 16 -5.41 -14.23 -4.56
N ILE B 17 -5.84 -13.15 -3.90
CA ILE B 17 -4.91 -12.07 -3.58
C ILE B 17 -3.74 -12.54 -2.73
N THR B 18 -3.90 -13.65 -1.98
CA THR B 18 -2.76 -14.10 -1.19
C THR B 18 -1.59 -14.55 -2.03
N GLN B 19 -1.81 -14.86 -3.31
CA GLN B 19 -0.71 -15.22 -4.19
C GLN B 19 0.16 -14.04 -4.57
N ILE B 20 -0.24 -12.82 -4.21
CA ILE B 20 0.56 -11.62 -4.39
C ILE B 20 1.49 -11.36 -3.21
N ILE B 21 1.29 -12.04 -2.07
CA ILE B 21 2.17 -11.85 -0.93
C ILE B 21 3.59 -12.25 -1.31
N GLY B 22 4.56 -11.42 -0.91
CA GLY B 22 5.97 -11.68 -1.17
C GLY B 22 6.49 -11.01 -2.43
N GLY B 23 7.74 -11.36 -2.75
CA GLY B 23 8.39 -10.76 -3.92
C GLY B 23 8.55 -9.27 -3.80
N THR B 24 8.96 -8.79 -2.65
CA THR B 24 8.95 -7.35 -2.40
C THR B 24 10.24 -6.69 -2.91
N PRO B 25 10.14 -5.45 -3.34
CA PRO B 25 11.28 -4.78 -3.97
C PRO B 25 12.26 -4.23 -2.95
N VAL B 26 13.45 -3.88 -3.45
CA VAL B 26 14.53 -3.31 -2.67
C VAL B 26 14.97 -2.00 -3.30
N VAL B 27 15.16 -0.98 -2.46
CA VAL B 27 15.56 0.35 -2.92
C VAL B 27 16.86 0.74 -2.24
N LYS B 28 17.78 1.34 -3.00
CA LYS B 28 19.02 1.86 -2.43
C LYS B 28 18.77 3.28 -1.93
N LEU B 29 19.27 3.60 -0.74
CA LEU B 29 19.12 4.94 -0.20
C LEU B 29 20.17 5.87 -0.81
N ARG B 30 19.76 7.11 -1.09
CA ARG B 30 20.59 8.04 -1.85
C ARG B 30 21.04 9.27 -1.08
N ASN B 31 20.25 9.77 -0.13
CA ASN B 31 20.48 11.08 0.48
C ASN B 31 20.69 11.08 1.98
N VAL B 32 20.09 10.14 2.72
CA VAL B 32 20.23 10.13 4.17
C VAL B 32 21.51 9.47 4.62
N VAL B 33 22.27 8.91 3.69
CA VAL B 33 23.57 8.32 3.97
C VAL B 33 24.51 8.83 2.88
N ASP B 34 25.78 9.06 3.25
CA ASP B 34 26.71 9.69 2.34
C ASP B 34 27.53 8.68 1.54
N ASP B 35 28.41 9.19 0.69
CA ASP B 35 29.18 8.36 -0.23
C ASP B 35 30.34 7.65 0.46
N ASN B 36 30.73 8.07 1.66
CA ASN B 36 31.84 7.44 2.38
C ASN B 36 31.38 6.41 3.40
N ALA B 37 30.07 6.16 3.51
CA ALA B 37 29.54 5.03 4.23
C ALA B 37 29.22 3.92 3.24
N ALA B 38 28.96 2.73 3.77
CA ALA B 38 28.49 1.62 2.94
C ALA B 38 27.17 1.97 2.26
N ASP B 39 26.87 1.26 1.16
CA ASP B 39 25.55 1.34 0.54
C ASP B 39 24.51 0.76 1.48
N VAL B 40 23.34 1.39 1.55
CA VAL B 40 22.23 0.93 2.39
C VAL B 40 21.04 0.66 1.47
N TYR B 41 20.56 -0.57 1.52
CA TYR B 41 19.40 -1.01 0.75
C TYR B 41 18.29 -1.40 1.70
N VAL B 42 17.05 -1.10 1.31
CA VAL B 42 15.87 -1.36 2.14
C VAL B 42 14.88 -2.21 1.38
N LYS B 43 14.41 -3.29 2.00
CA LYS B 43 13.39 -4.13 1.39
C LYS B 43 12.00 -3.68 1.87
N LEU B 44 11.12 -3.39 0.92
CA LEU B 44 9.83 -2.73 1.20
C LEU B 44 8.76 -3.77 1.49
N GLU B 45 8.73 -4.25 2.75
CA GLU B 45 7.72 -5.24 3.13
C GLU B 45 6.33 -4.66 3.18
N TYR B 46 6.21 -3.33 3.20
CA TYR B 46 4.88 -2.74 3.10
C TYR B 46 4.27 -2.88 1.71
N GLN B 47 5.04 -3.33 0.73
CA GLN B 47 4.49 -3.56 -0.59
C GLN B 47 3.70 -4.85 -0.67
N ASN B 48 3.74 -5.68 0.36
CA ASN B 48 2.81 -6.81 0.43
C ASN B 48 1.38 -6.28 0.37
N PRO B 49 0.45 -7.05 -0.19
CA PRO B 49 -0.88 -6.50 -0.51
C PRO B 49 -1.68 -6.10 0.70
N GLY B 50 -1.43 -6.65 1.88
CA GLY B 50 -2.11 -6.26 3.09
C GLY B 50 -1.40 -5.17 3.82
N GLY B 51 -0.25 -4.72 3.29
CA GLY B 51 0.41 -3.54 3.81
C GLY B 51 1.58 -3.74 4.76
N SER B 52 1.95 -4.98 5.08
CA SER B 52 3.07 -5.14 6.01
C SER B 52 3.73 -6.51 5.84
N VAL B 53 4.89 -6.64 6.48
CA VAL B 53 5.61 -7.92 6.55
C VAL B 53 4.72 -9.02 7.12
N ASP B 55 1.83 -9.94 6.48
CA ASP B 55 1.14 -10.77 5.49
C ASP B 55 1.80 -12.14 5.36
N ARG B 56 3.14 -12.16 5.38
CA ARG B 56 3.86 -13.40 5.13
C ARG B 56 3.56 -14.43 6.21
N ILE B 57 3.55 -14.00 7.48
CA ILE B 57 3.36 -14.99 8.55
C ILE B 57 1.91 -15.31 8.72
N ALA B 58 1.01 -14.38 8.41
CA ALA B 58 -0.41 -14.71 8.45
C ALA B 58 -0.73 -15.82 7.46
N LEU B 59 -0.23 -15.68 6.23
CA LEU B 59 -0.45 -16.70 5.23
C LEU B 59 0.22 -18.01 5.66
N ALA B 60 1.47 -17.93 6.11
CA ALA B 60 2.19 -19.18 6.41
C ALA B 60 1.54 -19.95 7.56
N MET B 61 1.11 -19.23 8.60
CA MET B 61 0.50 -19.91 9.75
C MET B 61 -0.83 -20.52 9.39
N ILE B 62 -1.64 -19.83 8.60
CA ILE B 62 -2.91 -20.40 8.17
C ILE B 62 -2.70 -21.59 7.24
N GLU B 63 -1.77 -21.46 6.27
CA GLU B 63 -1.47 -22.57 5.37
C GLU B 63 -0.97 -23.78 6.10
N LYS B 64 -0.06 -23.60 7.06
CA LYS B 64 0.47 -24.75 7.78
C LYS B 64 -0.64 -25.48 8.51
N ALA B 65 -1.49 -24.73 9.20
CA ALA B 65 -2.58 -25.33 9.97
C ALA B 65 -3.57 -26.03 9.05
N GLU B 66 -3.86 -25.43 7.89
CA GLU B 66 -4.72 -26.06 6.89
C GLU B 66 -4.10 -27.36 6.39
N ARG B 67 -2.78 -27.35 6.15
CA ARG B 67 -2.07 -28.51 5.65
C ARG B 67 -2.08 -29.64 6.67
N GLU B 68 -1.99 -29.30 7.95
CA GLU B 68 -1.99 -30.26 9.04
C GLU B 68 -3.39 -30.71 9.43
N GLY B 69 -4.41 -30.28 8.71
CA GLY B 69 -5.78 -30.60 9.06
C GLY B 69 -6.27 -30.01 10.38
N LYS B 70 -5.55 -29.05 10.94
CA LYS B 70 -5.98 -28.42 12.18
C LYS B 70 -7.15 -27.47 11.95
N ILE B 71 -7.22 -26.88 10.76
CA ILE B 71 -8.31 -25.99 10.38
C ILE B 71 -8.70 -26.31 8.95
N LYS B 72 -9.92 -25.94 8.60
CA LYS B 72 -10.42 -26.03 7.23
C LYS B 72 -11.30 -24.82 6.99
N PRO B 73 -11.45 -24.37 5.74
CA PRO B 73 -12.25 -23.17 5.47
C PRO B 73 -13.57 -23.20 6.20
N GLY B 74 -13.92 -22.05 6.79
CA GLY B 74 -15.08 -21.90 7.63
C GLY B 74 -14.77 -21.83 9.10
N ASP B 75 -13.61 -22.35 9.51
CA ASP B 75 -13.22 -22.35 10.91
C ASP B 75 -12.81 -20.95 11.37
N THR B 76 -12.75 -20.78 12.68
CA THR B 76 -12.45 -19.49 13.32
C THR B 76 -11.04 -19.55 13.89
N ILE B 77 -10.27 -18.48 13.71
CA ILE B 77 -9.01 -18.33 14.42
C ILE B 77 -9.14 -17.17 15.39
N VAL B 78 -8.28 -17.20 16.39
CA VAL B 78 -8.24 -16.16 17.41
C VAL B 78 -6.77 -15.81 17.66
N GLU B 79 -6.48 -14.53 17.81
CA GLU B 79 -5.12 -14.08 18.08
C GLU B 79 -5.18 -12.79 18.89
N PRO B 80 -4.36 -12.65 19.90
CA PRO B 80 -4.25 -11.38 20.61
C PRO B 80 -3.25 -10.47 19.91
N THR B 81 -3.71 -9.32 19.43
CA THR B 81 -2.87 -8.44 18.64
C THR B 81 -3.49 -7.07 18.43
N SER B 82 -2.70 -6.03 18.68
CA SER B 82 -3.09 -4.66 18.38
C SER B 82 -2.30 -4.09 17.22
N GLY B 83 -1.56 -4.93 16.52
CA GLY B 83 -0.66 -4.44 15.51
C GLY B 83 -0.88 -5.09 14.16
N ASN B 84 0.19 -5.10 13.38
CA ASN B 84 0.07 -5.55 12.00
C ASN B 84 -0.29 -7.00 11.84
N THR B 85 -0.05 -7.85 12.86
CA THR B 85 -0.45 -9.25 12.69
C THR B 85 -1.97 -9.38 12.63
N GLY B 86 -2.69 -8.53 13.37
CA GLY B 86 -4.14 -8.54 13.29
C GLY B 86 -4.62 -8.18 11.90
N ILE B 87 -4.03 -7.15 11.31
CA ILE B 87 -4.41 -6.76 9.96
C ILE B 87 -4.06 -7.88 8.99
N GLY B 88 -2.86 -8.46 9.13
CA GLY B 88 -2.46 -9.51 8.20
C GLY B 88 -3.36 -10.74 8.31
N LEU B 89 -3.67 -11.15 9.54
CA LEU B 89 -4.57 -12.28 9.71
C LEU B 89 -5.99 -11.94 9.25
N ALA B 90 -6.46 -10.71 9.48
CA ALA B 90 -7.80 -10.37 9.00
C ALA B 90 -7.87 -10.45 7.49
N PHE B 91 -6.84 -9.93 6.84
CA PHE B 91 -6.71 -9.95 5.39
C PHE B 91 -6.68 -11.38 4.86
N VAL B 92 -5.75 -12.19 5.39
CA VAL B 92 -5.62 -13.56 4.88
C VAL B 92 -6.87 -14.37 5.20
N CYS B 93 -7.48 -14.15 6.35
CA CYS B 93 -8.70 -14.90 6.66
C CYS B 93 -9.82 -14.57 5.69
N ALA B 94 -9.98 -13.28 5.35
CA ALA B 94 -10.98 -12.89 4.37
C ALA B 94 -10.69 -13.53 3.02
N ALA B 95 -9.41 -13.54 2.63
CA ALA B 95 -9.03 -14.09 1.33
C ALA B 95 -9.21 -15.60 1.27
N LYS B 96 -9.01 -16.29 2.40
CA LYS B 96 -8.96 -17.76 2.41
C LYS B 96 -10.23 -18.40 2.95
N GLY B 97 -11.19 -17.62 3.38
CA GLY B 97 -12.46 -18.15 3.85
C GLY B 97 -12.48 -18.61 5.29
N TYR B 98 -11.74 -17.95 6.17
CA TYR B 98 -11.75 -18.25 7.59
C TYR B 98 -12.36 -17.08 8.34
N LYS B 99 -12.91 -17.36 9.50
CA LYS B 99 -13.41 -16.33 10.38
C LYS B 99 -12.27 -15.95 11.33
N ALA B 100 -12.15 -14.68 11.63
CA ALA B 100 -11.07 -14.18 12.48
C ALA B 100 -11.65 -13.44 13.66
N VAL B 101 -11.11 -13.71 14.83
CA VAL B 101 -11.46 -13.01 16.07
C VAL B 101 -10.16 -12.51 16.68
N PHE B 102 -10.11 -11.23 17.01
CA PHE B 102 -8.92 -10.62 17.60
C PHE B 102 -9.25 -10.05 18.96
N THR B 103 -8.38 -10.25 19.92
CA THR B 103 -8.50 -9.59 21.20
C THR B 103 -7.45 -8.51 21.28
N MET B 104 -7.80 -7.41 21.90
CA MET B 104 -6.90 -6.28 21.99
C MET B 104 -7.42 -5.33 23.05
N PRO B 105 -6.55 -4.56 23.69
CA PRO B 105 -7.02 -3.58 24.65
C PRO B 105 -7.95 -2.57 23.99
N GLU B 106 -8.95 -2.11 24.75
CA GLU B 106 -10.03 -1.26 24.27
C GLU B 106 -9.55 0.12 23.86
N THR B 107 -8.27 0.44 24.02
CA THR B 107 -7.69 1.69 23.58
C THR B 107 -7.48 1.76 22.06
N MET B 108 -7.68 0.67 21.33
CA MET B 108 -7.48 0.70 19.88
C MET B 108 -8.40 1.74 19.24
N SER B 109 -7.86 2.46 18.26
CA SER B 109 -8.58 3.57 17.63
C SER B 109 -9.71 3.07 16.75
N GLN B 110 -10.67 3.96 16.49
CA GLN B 110 -11.81 3.58 15.65
C GLN B 110 -11.36 3.25 14.23
N GLU B 111 -10.39 3.98 13.69
CA GLU B 111 -9.92 3.71 12.33
C GLU B 111 -9.37 2.28 12.22
N ARG B 112 -8.57 1.87 13.20
CA ARG B 112 -8.00 0.53 13.20
C ARG B 112 -9.09 -0.52 13.38
N ARG B 113 -10.06 -0.27 14.26
CA ARG B 113 -11.19 -1.18 14.35
C ARG B 113 -11.91 -1.30 13.03
N ASN B 114 -12.11 -0.17 12.34
CA ASN B 114 -12.79 -0.20 11.05
C ASN B 114 -12.02 -1.03 10.03
N LEU B 115 -10.70 -0.91 10.03
CA LEU B 115 -9.87 -1.68 9.09
C LEU B 115 -10.06 -3.19 9.31
N LEU B 116 -9.99 -3.64 10.57
CA LEU B 116 -10.20 -5.06 10.86
C LEU B 116 -11.62 -5.50 10.51
N LYS B 117 -12.62 -4.68 10.86
CA LYS B 117 -14.00 -5.03 10.57
C LYS B 117 -14.30 -4.97 9.08
N ALA B 118 -13.55 -4.16 8.32
CA ALA B 118 -13.75 -4.14 6.87
C ALA B 118 -13.43 -5.49 6.25
N TYR B 119 -12.48 -6.23 6.83
CA TYR B 119 -12.19 -7.58 6.41
C TYR B 119 -13.12 -8.61 7.03
N GLY B 120 -14.07 -8.16 7.85
CA GLY B 120 -15.03 -9.06 8.46
C GLY B 120 -14.57 -9.71 9.74
N ALA B 121 -13.49 -9.21 10.34
CA ALA B 121 -13.03 -9.77 11.60
C ALA B 121 -13.92 -9.29 12.73
N GLU B 122 -14.00 -10.11 13.77
CA GLU B 122 -14.72 -9.74 14.98
C GLU B 122 -13.71 -9.29 16.01
N LEU B 123 -14.07 -8.26 16.77
CA LEU B 123 -13.17 -7.69 17.76
C LEU B 123 -13.69 -7.96 19.16
N VAL B 124 -12.79 -8.37 20.04
CA VAL B 124 -13.11 -8.60 21.44
C VAL B 124 -12.17 -7.70 22.24
N LEU B 125 -12.70 -6.59 22.75
CA LEU B 125 -11.87 -5.61 23.41
C LEU B 125 -11.68 -5.98 24.87
N THR B 126 -10.47 -5.79 25.36
CA THR B 126 -10.11 -6.18 26.72
C THR B 126 -9.70 -4.94 27.51
N PRO B 127 -9.58 -5.02 28.83
CA PRO B 127 -9.43 -3.78 29.62
C PRO B 127 -8.15 -3.03 29.29
N GLY B 128 -8.28 -1.72 29.13
CA GLY B 128 -7.11 -0.92 28.76
C GLY B 128 -5.98 -1.05 29.76
N SER B 129 -6.29 -1.06 31.05
CA SER B 129 -5.26 -1.13 32.08
C SER B 129 -4.50 -2.45 32.07
N GLU B 130 -5.08 -3.49 31.48
CA GLU B 130 -4.41 -4.78 31.40
C GLU B 130 -3.54 -4.91 30.16
N ALA B 131 -3.72 -4.02 29.18
CA ALA B 131 -2.87 -3.98 28.00
C ALA B 131 -2.77 -5.37 27.35
N MET B 132 -1.56 -5.77 26.92
CA MET B 132 -1.46 -7.00 26.14
C MET B 132 -1.72 -8.25 26.97
N LYS B 133 -1.33 -8.25 28.26
CA LYS B 133 -1.60 -9.41 29.12
C LYS B 133 -3.09 -9.73 29.15
N GLY B 134 -3.93 -8.71 29.25
CA GLY B 134 -5.37 -8.94 29.24
C GLY B 134 -5.86 -9.49 27.91
N ALA B 135 -5.31 -8.99 26.80
CA ALA B 135 -5.73 -9.51 25.51
C ALA B 135 -5.29 -10.96 25.34
N ILE B 136 -4.08 -11.28 25.79
CA ILE B 136 -3.59 -12.64 25.70
C ILE B 136 -4.45 -13.59 26.54
N LYS B 137 -4.77 -13.17 27.76
CA LYS B 137 -5.62 -14.01 28.61
C LYS B 137 -6.98 -14.28 27.96
N LYS B 138 -7.58 -13.26 27.36
CA LYS B 138 -8.89 -13.44 26.75
C LYS B 138 -8.83 -14.37 25.54
N ALA B 139 -7.78 -14.24 24.71
CA ALA B 139 -7.66 -15.13 23.57
C ALA B 139 -7.54 -16.59 23.99
N LYS B 140 -6.75 -16.87 25.05
CA LYS B 140 -6.65 -18.24 25.57
C LYS B 140 -8.01 -18.73 26.07
N GLU B 141 -8.75 -17.88 26.75
CA GLU B 141 -10.08 -18.27 27.22
C GLU B 141 -10.99 -18.62 26.06
N LEU B 142 -11.00 -17.77 25.03
CA LEU B 142 -11.84 -18.03 23.86
C LEU B 142 -11.42 -19.30 23.15
N LYS B 143 -10.11 -19.54 23.07
CA LYS B 143 -9.60 -20.75 22.45
C LYS B 143 -10.10 -22.00 23.19
N GLU B 144 -10.04 -21.98 24.53
CA GLU B 144 -10.47 -23.14 25.30
C GLU B 144 -11.98 -23.32 25.22
N GLU B 145 -12.75 -22.23 25.33
CA GLU B 145 -14.20 -22.33 25.38
C GLU B 145 -14.79 -22.74 24.04
N HIS B 146 -14.23 -22.22 22.94
CA HIS B 146 -14.86 -22.41 21.63
C HIS B 146 -14.09 -23.31 20.67
N GLY B 147 -12.88 -23.74 21.03
CA GLY B 147 -12.12 -24.59 20.12
C GLY B 147 -11.51 -23.88 18.95
N TYR B 148 -11.31 -22.57 19.06
CA TYR B 148 -10.70 -21.79 17.99
C TYR B 148 -9.23 -22.14 17.83
N PHE B 149 -8.73 -22.01 16.61
CA PHE B 149 -7.30 -22.16 16.36
C PHE B 149 -6.58 -20.86 16.69
N GLU B 150 -5.48 -20.95 17.44
CA GLU B 150 -4.69 -19.77 17.77
C GLU B 150 -3.35 -19.82 17.06
N PRO B 151 -3.07 -18.92 16.12
CA PRO B 151 -1.78 -18.99 15.41
C PRO B 151 -0.58 -18.92 16.33
N GLN B 152 -0.60 -18.07 17.35
CA GLN B 152 0.49 -17.92 18.31
C GLN B 152 1.77 -17.44 17.64
N GLN B 153 1.74 -16.18 17.21
CA GLN B 153 2.82 -15.65 16.40
C GLN B 153 4.18 -15.64 17.10
N PHE B 154 4.22 -15.67 18.43
CA PHE B 154 5.49 -15.65 19.14
C PHE B 154 6.05 -17.03 19.42
N GLU B 155 5.33 -18.08 19.02
CA GLU B 155 5.78 -19.45 19.25
C GLU B 155 5.69 -20.30 18.01
N ASN B 156 4.98 -19.86 16.98
CA ASN B 156 4.69 -20.74 15.84
C ASN B 156 5.91 -20.82 14.94
N PRO B 157 6.48 -22.01 14.73
CA PRO B 157 7.67 -22.12 13.89
C PRO B 157 7.43 -21.70 12.45
N ALA B 158 6.18 -21.70 11.98
CA ALA B 158 5.90 -21.24 10.61
C ALA B 158 6.27 -19.77 10.39
N ASN B 159 6.37 -18.97 11.44
CA ASN B 159 6.75 -17.57 11.36
C ASN B 159 8.21 -17.44 10.91
N PRO B 160 9.22 -17.84 11.70
CA PRO B 160 10.59 -17.80 11.17
C PRO B 160 10.75 -18.63 9.90
N GLU B 161 10.02 -19.75 9.75
CA GLU B 161 10.22 -20.60 8.59
C GLU B 161 9.84 -19.88 7.30
N VAL B 162 8.77 -19.08 7.32
CA VAL B 162 8.38 -18.42 6.07
C VAL B 162 9.47 -17.46 5.62
N HIS B 163 10.16 -16.81 6.55
CA HIS B 163 11.25 -15.92 6.17
C HIS B 163 12.45 -16.71 5.65
N GLU B 164 12.64 -17.94 6.13
N GLU B 164 12.64 -17.93 6.14
CA GLU B 164 13.69 -18.78 5.58
CA GLU B 164 13.67 -18.82 5.59
C GLU B 164 13.34 -19.29 4.17
C GLU B 164 13.33 -19.25 4.17
N LEU B 165 12.04 -19.42 3.86
CA LEU B 165 11.62 -19.93 2.56
C LEU B 165 11.34 -18.88 1.52
N THR B 166 10.99 -17.65 1.93
CA THR B 166 10.58 -16.62 0.98
C THR B 166 11.43 -15.37 1.12
N THR B 167 11.30 -14.63 2.23
CA THR B 167 11.99 -13.34 2.37
C THR B 167 13.50 -13.49 2.15
N GLY B 168 14.11 -14.47 2.80
CA GLY B 168 15.54 -14.67 2.68
C GLY B 168 15.98 -15.06 1.28
N PRO B 169 15.36 -16.08 0.69
CA PRO B 169 15.72 -16.43 -0.69
C PRO B 169 15.50 -15.30 -1.67
N GLU B 170 14.46 -14.46 -1.47
CA GLU B 170 14.31 -13.30 -2.33
C GLU B 170 15.53 -12.41 -2.26
N LEU B 171 16.01 -12.14 -1.04
CA LEU B 171 17.19 -11.30 -0.89
C LEU B 171 18.41 -11.92 -1.54
N LEU B 172 18.54 -13.25 -1.45
CA LEU B 172 19.67 -13.91 -2.12
C LEU B 172 19.61 -13.70 -3.62
N GLN B 173 18.42 -13.84 -4.21
CA GLN B 173 18.24 -13.49 -5.61
C GLN B 173 18.52 -12.03 -5.91
N GLN B 174 17.97 -11.15 -5.07
CA GLN B 174 18.11 -9.71 -5.33
C GLN B 174 19.56 -9.27 -5.25
N PHE B 175 20.38 -9.96 -4.45
CA PHE B 175 21.80 -9.62 -4.30
C PHE B 175 22.73 -10.65 -4.90
N GLU B 176 22.26 -11.44 -5.87
CA GLU B 176 23.11 -12.47 -6.45
C GLU B 176 24.30 -11.79 -7.14
N GLY B 177 25.49 -12.33 -6.90
CA GLY B 177 26.71 -11.70 -7.39
C GLY B 177 27.20 -10.55 -6.55
N LYS B 178 26.55 -10.24 -5.42
CA LYS B 178 27.01 -9.23 -4.50
C LYS B 178 27.14 -9.87 -3.11
N THR B 179 28.05 -9.35 -2.32
CA THR B 179 28.20 -9.77 -0.94
C THR B 179 27.42 -8.81 -0.06
N ILE B 180 26.55 -9.33 0.79
CA ILE B 180 25.89 -8.51 1.80
C ILE B 180 26.78 -8.56 3.03
N ASP B 181 27.22 -7.40 3.47
CA ASP B 181 28.12 -7.35 4.61
C ASP B 181 27.41 -7.29 5.95
N ALA B 182 26.20 -6.74 5.99
CA ALA B 182 25.43 -6.73 7.22
C ALA B 182 23.94 -6.74 6.87
N PHE B 183 23.18 -7.46 7.65
CA PHE B 183 21.72 -7.47 7.57
C PHE B 183 21.19 -7.09 8.94
N LEU B 184 20.29 -6.10 8.99
CA LEU B 184 19.73 -5.62 10.25
C LEU B 184 18.22 -5.73 10.18
N ALA B 185 17.58 -6.03 11.30
CA ALA B 185 16.12 -5.99 11.33
C ALA B 185 15.64 -5.73 12.74
N GLY B 186 14.63 -4.87 12.85
CA GLY B 186 13.90 -4.76 14.11
C GLY B 186 13.29 -6.08 14.51
N VAL B 187 13.24 -6.31 15.83
CA VAL B 187 12.68 -7.53 16.40
C VAL B 187 11.32 -7.23 17.05
N GLY B 188 10.29 -7.80 16.46
CA GLY B 188 8.96 -7.88 17.09
C GLY B 188 8.75 -9.29 17.58
N THR B 189 8.32 -10.18 16.69
CA THR B 189 8.42 -11.61 16.98
C THR B 189 9.82 -12.16 16.82
N GLY B 190 10.66 -11.50 16.02
CA GLY B 190 11.96 -12.02 15.68
C GLY B 190 11.96 -12.98 14.52
N GLY B 191 10.81 -13.25 13.92
CA GLY B 191 10.78 -14.16 12.79
C GLY B 191 11.62 -13.68 11.60
N THR B 192 11.49 -12.39 11.25
CA THR B 192 12.22 -11.90 10.08
C THR B 192 13.71 -12.03 10.28
N LEU B 193 14.21 -11.51 11.40
CA LEU B 193 15.64 -11.60 11.66
C LEU B 193 16.12 -13.05 11.66
N SER B 194 15.36 -13.93 12.27
CA SER B 194 15.80 -15.31 12.44
C SER B 194 15.84 -16.05 11.12
N GLY B 195 14.76 -15.94 10.33
CA GLY B 195 14.70 -16.68 9.10
C GLY B 195 15.57 -16.09 8.01
N VAL B 196 15.54 -14.76 7.86
CA VAL B 196 16.43 -14.13 6.88
C VAL B 196 17.89 -14.34 7.31
N GLY B 197 18.17 -14.17 8.60
CA GLY B 197 19.54 -14.32 9.08
C GLY B 197 20.12 -15.68 8.80
N LYS B 198 19.32 -16.74 8.99
CA LYS B 198 19.80 -18.08 8.73
C LYS B 198 20.24 -18.23 7.29
N VAL B 199 19.40 -17.79 6.36
CA VAL B 199 19.66 -17.98 4.94
C VAL B 199 20.84 -17.12 4.49
N LEU B 200 20.92 -15.87 4.95
CA LEU B 200 22.01 -15.00 4.54
C LEU B 200 23.34 -15.48 5.11
N LYS B 201 23.35 -15.94 6.37
N LYS B 201 23.33 -15.94 6.37
CA LYS B 201 24.57 -16.44 6.97
CA LYS B 201 24.55 -16.46 6.98
C LYS B 201 25.11 -17.65 6.23
C LYS B 201 25.10 -17.64 6.20
N LYS B 202 24.23 -18.52 5.70
CA LYS B 202 24.70 -19.67 4.92
C LYS B 202 25.41 -19.23 3.65
N GLU B 203 24.85 -18.25 2.94
CA GLU B 203 25.48 -17.80 1.70
C GLU B 203 26.68 -16.90 1.93
N TYR B 204 26.65 -16.09 3.01
CA TYR B 204 27.63 -15.06 3.30
C TYR B 204 28.20 -15.31 4.70
N PRO B 205 29.19 -16.19 4.83
CA PRO B 205 29.64 -16.58 6.19
C PRO B 205 30.19 -15.44 7.02
N ASN B 206 30.68 -14.37 6.40
CA ASN B 206 31.24 -13.25 7.14
C ASN B 206 30.22 -12.17 7.45
N ILE B 207 28.94 -12.40 7.13
CA ILE B 207 27.93 -11.36 7.32
C ILE B 207 27.76 -11.07 8.81
N GLU B 208 27.51 -9.81 9.13
CA GLU B 208 27.04 -9.45 10.47
C GLU B 208 25.52 -9.35 10.48
N ILE B 209 24.89 -10.01 11.44
CA ILE B 209 23.44 -9.98 11.61
C ILE B 209 23.16 -9.16 12.85
N VAL B 210 22.28 -8.16 12.75
CA VAL B 210 22.11 -7.20 13.84
C VAL B 210 20.63 -7.10 14.20
N ALA B 211 20.30 -7.32 15.47
CA ALA B 211 18.95 -7.10 15.97
C ALA B 211 18.78 -5.64 16.37
N ILE B 212 17.60 -5.09 16.09
CA ILE B 212 17.26 -3.73 16.49
C ILE B 212 16.13 -3.79 17.51
N GLU B 213 16.26 -3.04 18.60
CA GLU B 213 15.24 -3.01 19.64
C GLU B 213 15.14 -1.61 20.22
N PRO B 214 14.07 -1.30 20.96
CA PRO B 214 13.93 0.06 21.50
C PRO B 214 14.88 0.29 22.67
N GLU B 215 15.52 1.46 22.66
CA GLU B 215 16.34 1.86 23.80
C GLU B 215 15.53 1.91 25.07
N ALA B 216 14.25 2.26 24.95
CA ALA B 216 13.38 2.39 26.10
C ALA B 216 12.82 1.05 26.58
N SER B 217 13.07 -0.06 25.88
CA SER B 217 12.62 -1.38 26.34
C SER B 217 13.61 -2.44 25.87
N PRO B 218 14.86 -2.38 26.37
CA PRO B 218 15.95 -3.14 25.74
C PRO B 218 16.14 -4.53 26.35
N VAL B 219 15.14 -5.40 26.12
CA VAL B 219 15.12 -6.71 26.77
C VAL B 219 16.15 -7.66 26.15
N LEU B 220 16.41 -7.54 24.85
CA LEU B 220 17.42 -8.41 24.26
C LEU B 220 18.79 -8.10 24.82
N SER B 221 19.03 -6.84 25.18
CA SER B 221 20.28 -6.38 25.75
C SER B 221 20.38 -6.70 27.23
N GLY B 222 19.35 -7.32 27.80
CA GLY B 222 19.36 -7.65 29.21
C GLY B 222 18.82 -6.56 30.11
N GLY B 223 18.19 -5.53 29.53
CA GLY B 223 17.57 -4.47 30.30
C GLY B 223 16.13 -4.77 30.66
N GLU B 224 15.51 -3.81 31.31
CA GLU B 224 14.15 -4.06 31.76
C GLU B 224 13.15 -3.60 30.71
N PRO B 225 12.01 -4.29 30.59
CA PRO B 225 10.95 -3.77 29.73
C PRO B 225 10.46 -2.42 30.24
N GLY B 226 10.10 -1.54 29.29
CA GLY B 226 9.62 -0.23 29.61
C GLY B 226 8.75 0.27 28.47
N PRO B 227 7.96 1.31 28.74
CA PRO B 227 7.11 1.88 27.68
C PRO B 227 7.97 2.46 26.57
N HIS B 228 7.56 2.22 25.32
CA HIS B 228 8.27 2.73 24.16
C HIS B 228 7.29 2.94 23.04
N LYS B 229 7.73 3.66 22.00
CA LYS B 229 6.85 4.09 20.93
C LYS B 229 7.19 3.46 19.58
N LEU B 230 8.05 2.44 19.56
CA LEU B 230 8.47 1.84 18.29
C LEU B 230 7.49 0.74 17.92
N GLN B 231 6.34 1.15 17.37
N GLN B 231 6.37 1.16 17.32
CA GLN B 231 5.28 0.21 17.04
CA GLN B 231 5.30 0.27 16.90
C GLN B 231 5.81 -0.88 16.14
C GLN B 231 5.86 -0.90 16.09
N GLY B 232 5.55 -2.12 16.53
CA GLY B 232 6.03 -3.29 15.85
C GLY B 232 7.21 -3.94 16.53
N LEU B 233 7.91 -3.21 17.39
CA LEU B 233 9.08 -3.72 18.13
C LEU B 233 8.76 -3.85 19.61
N GLY B 234 9.73 -4.39 20.36
CA GLY B 234 9.70 -4.28 21.81
C GLY B 234 8.55 -5.02 22.47
N ALA B 235 8.53 -6.33 22.30
CA ALA B 235 7.47 -7.12 22.92
C ALA B 235 7.58 -7.20 24.43
N GLY B 236 8.70 -6.77 25.03
CA GLY B 236 8.85 -6.81 26.47
C GLY B 236 9.27 -8.15 27.03
N PHE B 237 9.53 -9.13 26.18
CA PHE B 237 10.06 -10.44 26.53
C PHE B 237 10.83 -10.92 25.31
N ILE B 238 11.49 -12.07 25.43
CA ILE B 238 12.25 -12.65 24.34
C ILE B 238 11.37 -13.72 23.68
N PRO B 239 10.86 -13.50 22.47
CA PRO B 239 9.90 -14.47 21.91
C PRO B 239 10.57 -15.78 21.56
N GLY B 240 9.79 -16.86 21.64
CA GLY B 240 10.27 -18.16 21.17
C GLY B 240 10.73 -18.11 19.72
N THR B 241 10.00 -17.40 18.86
CA THR B 241 10.33 -17.27 17.45
C THR B 241 11.62 -16.51 17.16
N LEU B 242 12.22 -15.84 18.15
CA LEU B 242 13.52 -15.21 17.94
C LEU B 242 14.62 -16.21 18.24
N ASN B 243 15.46 -16.48 17.24
CA ASN B 243 16.66 -17.28 17.48
C ASN B 243 17.71 -16.34 18.06
N THR B 244 17.94 -16.41 19.37
CA THR B 244 18.83 -15.44 19.98
C THR B 244 20.29 -15.67 19.63
N GLU B 245 20.62 -16.78 18.96
CA GLU B 245 21.97 -17.02 18.46
C GLU B 245 22.20 -16.45 17.07
N ILE B 246 21.17 -15.92 16.40
CA ILE B 246 21.34 -15.53 15.00
C ILE B 246 22.10 -14.22 14.86
N TYR B 247 22.01 -13.33 15.84
CA TYR B 247 22.59 -12.01 15.70
C TYR B 247 23.93 -11.89 16.40
N ASP B 248 24.80 -11.08 15.81
CA ASP B 248 26.12 -10.81 16.37
C ASP B 248 26.12 -9.62 17.30
N SER B 249 25.13 -8.75 17.18
CA SER B 249 25.07 -7.55 17.99
C SER B 249 23.64 -7.03 17.96
N ILE B 250 23.38 -6.07 18.85
CA ILE B 250 22.10 -5.39 19.00
C ILE B 250 22.36 -3.90 18.87
N ILE B 251 21.49 -3.19 18.14
CA ILE B 251 21.49 -1.73 18.17
C ILE B 251 20.18 -1.28 18.80
N LYS B 252 20.27 -0.48 19.85
CA LYS B 252 19.10 0.12 20.50
C LYS B 252 18.83 1.47 19.88
N VAL B 253 17.54 1.78 19.66
CA VAL B 253 17.16 3.03 19.02
C VAL B 253 16.15 3.75 19.89
N GLY B 254 16.37 5.05 20.11
CA GLY B 254 15.42 5.86 20.83
C GLY B 254 14.19 6.23 20.01
N ASN B 255 13.13 6.59 20.75
CA ASN B 255 11.87 6.97 20.12
C ASN B 255 12.09 8.16 19.17
N ASP B 256 12.81 9.18 19.64
CA ASP B 256 12.90 10.40 18.84
C ASP B 256 13.83 10.21 17.65
N THR B 257 14.92 9.46 17.84
CA THR B 257 15.84 9.17 16.75
C THR B 257 15.11 8.45 15.61
N ALA B 258 14.27 7.47 15.96
CA ALA B 258 13.56 6.72 14.94
C ALA B 258 12.56 7.61 14.21
N MET B 259 11.84 8.45 14.95
CA MET B 259 10.87 9.35 14.31
C MET B 259 11.56 10.33 13.40
N GLU B 260 12.67 10.91 13.85
CA GLU B 260 13.38 11.87 13.01
C GLU B 260 13.89 11.23 11.73
N MET B 261 14.33 9.98 11.82
CA MET B 261 14.80 9.30 10.61
C MET B 261 13.65 8.95 9.67
N SER B 262 12.52 8.50 10.22
CA SER B 262 11.36 8.27 9.34
C SER B 262 11.00 9.53 8.58
N ARG B 263 11.05 10.69 9.25
CA ARG B 263 10.69 11.94 8.58
C ARG B 263 11.71 12.30 7.51
N ARG B 264 12.99 12.11 7.78
CA ARG B 264 14.00 12.38 6.77
C ARG B 264 13.85 11.46 5.57
N VAL B 265 13.58 10.17 5.81
CA VAL B 265 13.47 9.22 4.72
C VAL B 265 12.26 9.56 3.82
N ALA B 266 11.15 9.96 4.44
CA ALA B 266 9.98 10.35 3.63
C ALA B 266 10.26 11.57 2.77
N LYS B 267 10.90 12.60 3.35
CA LYS B 267 11.11 13.83 2.58
C LYS B 267 12.27 13.72 1.61
N GLU B 268 13.33 12.98 1.97
CA GLU B 268 14.56 13.01 1.20
C GLU B 268 14.71 11.80 0.31
N GLU B 269 14.01 10.71 0.60
CA GLU B 269 14.04 9.56 -0.29
C GLU B 269 12.68 9.31 -0.95
N GLY B 270 11.61 9.93 -0.45
CA GLY B 270 10.30 9.59 -0.96
C GLY B 270 9.77 8.26 -0.48
N ILE B 271 10.29 7.74 0.63
CA ILE B 271 9.91 6.43 1.14
C ILE B 271 9.21 6.69 2.46
N LEU B 272 7.90 6.50 2.49
CA LEU B 272 7.06 6.85 3.64
C LEU B 272 6.79 5.57 4.42
N ALA B 273 7.49 5.38 5.53
CA ALA B 273 7.42 4.11 6.27
C ALA B 273 7.12 4.39 7.73
N GLY B 274 6.83 3.33 8.48
CA GLY B 274 6.52 3.47 9.88
C GLY B 274 7.74 3.75 10.76
N ILE B 275 7.48 3.96 12.05
CA ILE B 275 8.56 4.31 12.96
C ILE B 275 9.55 3.17 13.13
N SER B 276 9.10 1.91 13.02
CA SER B 276 10.07 0.82 13.14
C SER B 276 11.00 0.78 11.95
N SER B 277 10.53 1.28 10.79
CA SER B 277 11.38 1.44 9.63
C SER B 277 12.39 2.55 9.83
N GLY B 278 11.97 3.63 10.48
CA GLY B 278 12.93 4.67 10.79
C GLY B 278 14.02 4.17 11.72
N ALA B 279 13.63 3.37 12.70
CA ALA B 279 14.62 2.75 13.58
C ALA B 279 15.57 1.85 12.81
N ALA B 280 15.03 1.03 11.90
CA ALA B 280 15.87 0.13 11.11
C ALA B 280 16.84 0.91 10.24
N ILE B 281 16.37 2.00 9.62
CA ILE B 281 17.25 2.79 8.77
C ILE B 281 18.30 3.51 9.59
N TYR B 282 17.91 4.06 10.74
CA TYR B 282 18.90 4.73 11.58
C TYR B 282 20.01 3.77 11.98
N ALA B 283 19.64 2.55 12.38
CA ALA B 283 20.63 1.55 12.75
C ALA B 283 21.45 1.12 11.56
N ALA B 284 20.82 0.96 10.39
CA ALA B 284 21.55 0.57 9.20
C ALA B 284 22.59 1.61 8.84
N ILE B 285 22.25 2.89 8.99
CA ILE B 285 23.18 3.95 8.67
C ILE B 285 24.35 3.95 9.64
N GLN B 286 24.07 3.71 10.93
CA GLN B 286 25.14 3.56 11.90
C GLN B 286 26.10 2.46 11.47
N LYS B 287 25.56 1.31 11.09
CA LYS B 287 26.40 0.20 10.67
C LYS B 287 27.13 0.54 9.37
N ALA B 288 26.47 1.24 8.45
CA ALA B 288 27.12 1.59 7.19
C ALA B 288 28.29 2.54 7.39
N LYS B 289 28.21 3.41 8.40
CA LYS B 289 29.33 4.30 8.72
C LYS B 289 30.52 3.51 9.27
N GLU B 290 30.26 2.47 10.06
CA GLU B 290 31.32 1.59 10.53
C GLU B 290 32.01 0.87 9.38
N LEU B 291 31.21 0.28 8.48
CA LEU B 291 31.74 -0.59 7.44
C LEU B 291 32.44 0.17 6.32
N GLY B 292 31.95 1.37 5.99
CA GLY B 292 32.64 2.19 5.00
C GLY B 292 32.29 1.92 3.55
N LYS B 293 32.89 2.75 2.69
CA LYS B 293 32.55 2.82 1.28
C LYS B 293 32.70 1.46 0.60
N GLY B 294 31.76 1.14 -0.29
CA GLY B 294 31.82 -0.06 -1.08
C GLY B 294 31.26 -1.30 -0.43
N LYS B 295 30.92 -1.24 0.86
CA LYS B 295 30.27 -2.36 1.51
C LYS B 295 28.76 -2.25 1.32
N THR B 296 28.04 -3.31 1.73
CA THR B 296 26.62 -3.46 1.43
C THR B 296 25.87 -3.81 2.70
N VAL B 297 24.91 -2.96 3.07
CA VAL B 297 24.10 -3.11 4.27
C VAL B 297 22.64 -3.19 3.82
N VAL B 298 21.90 -4.17 4.34
CA VAL B 298 20.51 -4.41 3.97
C VAL B 298 19.64 -4.40 5.22
N THR B 299 18.47 -3.78 5.13
CA THR B 299 17.46 -3.85 6.18
C THR B 299 16.08 -3.99 5.56
N VAL B 300 15.08 -4.11 6.43
CA VAL B 300 13.68 -4.37 6.07
C VAL B 300 12.84 -3.24 6.63
N LEU B 301 11.93 -2.73 5.81
CA LEU B 301 10.94 -1.73 6.25
C LEU B 301 9.61 -2.43 6.41
N PRO B 302 9.15 -2.68 7.64
CA PRO B 302 7.98 -3.59 7.81
C PRO B 302 6.62 -3.04 7.43
N SER B 303 6.40 -1.72 7.45
CA SER B 303 5.05 -1.16 7.30
C SER B 303 5.14 0.27 6.78
N ASN B 304 4.00 0.80 6.28
CA ASN B 304 4.01 2.07 5.54
C ASN B 304 3.59 3.19 6.49
N GLY B 305 4.14 4.38 6.27
CA GLY B 305 3.83 5.52 7.13
C GLY B 305 2.35 5.89 7.14
N GLU B 306 1.63 5.59 6.06
CA GLU B 306 0.22 5.99 5.99
C GLU B 306 -0.62 5.28 7.06
N ARG B 307 -0.16 4.15 7.55
CA ARG B 307 -0.86 3.44 8.61
C ARG B 307 -0.73 4.13 9.97
N TYR B 308 0.07 5.19 10.07
CA TYR B 308 0.39 5.79 11.36
C TYR B 308 0.14 7.29 11.40
N LEU B 309 -0.79 7.76 10.56
CA LEU B 309 -1.01 9.19 10.43
C LEU B 309 -1.69 9.78 11.66
N SER B 310 -2.23 8.97 12.55
CA SER B 310 -2.82 9.46 13.79
C SER B 310 -1.87 9.33 14.98
N THR B 311 -0.67 8.83 14.77
CA THR B 311 0.36 8.84 15.80
C THR B 311 1.17 10.12 15.69
N PRO B 312 2.05 10.38 16.66
CA PRO B 312 2.91 11.57 16.54
C PRO B 312 3.93 11.49 15.41
N LEU B 313 4.10 10.33 14.77
CA LEU B 313 5.20 10.12 13.83
C LEU B 313 5.25 11.21 12.77
N TYR B 314 4.10 11.49 12.13
CA TYR B 314 4.05 12.48 11.06
C TYR B 314 3.11 13.62 11.44
N SER B 315 3.00 13.91 12.73
CA SER B 315 2.21 15.04 13.20
C SER B 315 3.10 16.28 13.18
N PHE B 316 2.86 17.17 12.22
CA PHE B 316 3.65 18.39 12.09
C PHE B 316 2.95 19.59 12.70
N GLY C 5 -0.43 -1.77 32.43
CA GLY C 5 0.21 -2.95 31.89
C GLY C 5 1.09 -2.66 30.68
N TYR C 6 1.94 -3.63 30.36
CA TYR C 6 2.89 -3.45 29.27
C TYR C 6 2.19 -3.53 27.92
N MET C 7 2.45 -2.58 27.04
CA MET C 7 1.80 -2.54 25.75
C MET C 7 2.81 -2.66 24.62
N PHE C 8 2.43 -3.44 23.60
CA PHE C 8 3.18 -3.51 22.36
C PHE C 8 2.17 -3.71 21.24
N TYR C 9 2.60 -3.41 20.00
CA TYR C 9 1.74 -3.40 18.82
C TYR C 9 2.40 -4.32 17.80
N ILE C 10 2.12 -5.61 17.90
CA ILE C 10 2.75 -6.59 17.02
C ILE C 10 1.66 -7.42 16.40
N GLY D 5 -19.39 25.68 -5.48
CA GLY D 5 -19.33 24.82 -4.32
C GLY D 5 -19.10 23.33 -4.62
N TYR D 6 -18.88 23.02 -5.89
CA TYR D 6 -18.76 21.62 -6.30
C TYR D 6 -17.42 21.03 -5.85
N MET D 7 -17.46 19.84 -5.27
CA MET D 7 -16.26 19.21 -4.73
C MET D 7 -16.01 17.89 -5.41
N PHE D 8 -14.74 17.65 -5.70
CA PHE D 8 -14.29 16.35 -6.17
C PHE D 8 -12.90 16.13 -5.60
N TYR D 9 -12.51 14.86 -5.57
CA TYR D 9 -11.27 14.43 -4.94
C TYR D 9 -10.48 13.64 -5.98
N ILE D 10 -9.69 14.35 -6.78
CA ILE D 10 -8.95 13.74 -7.87
C ILE D 10 -7.51 14.17 -7.72
#